data_3ORZ
#
_entry.id   3ORZ
#
_cell.length_a   243.134
_cell.length_b   116.124
_cell.length_c   37.702
_cell.angle_alpha   90.00
_cell.angle_beta   90.00
_cell.angle_gamma   90.00
#
_symmetry.space_group_name_H-M   'C 1 2 1'
#
loop_
_entity.id
_entity.type
_entity.pdbx_description
1 polymer '3-phosphoinositide-dependent protein kinase 1'
2 non-polymer 4-[4-(3-chlorophenyl)piperazin-1-yl]-4-oxobutane-1-thiol
3 non-polymer 3-(1H-INDOL-3-YL)-4-{1-[2-(1-METHYLPYRROLIDIN-2-YL)ETHYL]-1H-INDOL-3-YL}-1H-PYRROLE-2,5-DIONE
4 water water
#
_entity_poly.entity_id   1
_entity_poly.type   'polypeptide(L)'
_entity_poly.pdbx_seq_one_letter_code
;GAMDPEFMDGTAAEPRPGAGSLQHAQPPPQPRKKRPEDFKFGKILGEGSFSTVVLARELATSREYAIKILEKRHIIKENK
VPYVTRERDVMSRLDHPFFVKLYFCFQDDEKLYFGLSYAKNGELLKYIRKIGSFDETCTRFYTAEIVSALEYLHGKGIIH
RDLKPENILLNEDMHIQITDFGTAKVLSPESKQARAN(SEP)FVGTAQYVSPELLTEKSACKSSDLWALGCIIYQLVAGL
PPFRAGNEYLIFQKIIKLEYDFPEKFFPKARDLVEKLLVLDATKRLGCEEMEGYGPLKAHPFFESVTWENLHQQTPPKLT
;
_entity_poly.pdbx_strand_id   A,B,C,D
#
# COMPACT_ATOMS: atom_id res chain seq x y z
N PRO A 31 -7.63 -6.99 34.74
CA PRO A 31 -8.67 -6.39 33.90
C PRO A 31 -9.70 -7.42 33.45
N ARG A 32 -10.96 -7.01 33.42
CA ARG A 32 -12.05 -7.85 32.96
C ARG A 32 -11.85 -8.20 31.50
N LYS A 33 -12.43 -9.32 31.07
CA LYS A 33 -12.45 -9.65 29.66
C LYS A 33 -13.30 -8.62 28.91
N LYS A 34 -12.99 -8.40 27.64
CA LYS A 34 -13.80 -7.51 26.84
C LYS A 34 -15.20 -8.10 26.66
N ARG A 35 -16.16 -7.26 26.30
CA ARG A 35 -17.53 -7.70 26.02
C ARG A 35 -17.97 -7.12 24.67
N PRO A 36 -19.00 -7.73 24.06
CA PRO A 36 -19.46 -7.21 22.77
C PRO A 36 -19.78 -5.74 22.85
N GLU A 37 -20.32 -5.31 23.99
CA GLU A 37 -20.74 -3.93 24.17
C GLU A 37 -19.57 -2.94 24.06
N ASP A 38 -18.35 -3.45 24.18
CA ASP A 38 -17.15 -2.60 24.11
C ASP A 38 -16.83 -2.18 22.68
N PHE A 39 -17.56 -2.73 21.72
CA PHE A 39 -17.26 -2.52 20.32
C PHE A 39 -18.47 -2.06 19.54
N LYS A 40 -18.21 -1.27 18.51
CA LYS A 40 -19.18 -1.00 17.47
C LYS A 40 -18.87 -1.94 16.31
N PHE A 41 -19.75 -2.91 16.09
CA PHE A 41 -19.54 -3.88 15.02
C PHE A 41 -19.96 -3.30 13.68
N GLY A 42 -19.04 -3.34 12.73
CA GLY A 42 -19.24 -2.70 11.45
C GLY A 42 -19.46 -3.71 10.34
N LYS A 43 -18.87 -3.44 9.18
CA LYS A 43 -19.10 -4.27 8.01
C LYS A 43 -18.61 -5.70 8.25
N ILE A 44 -19.36 -6.66 7.71
CA ILE A 44 -18.91 -8.03 7.67
C ILE A 44 -17.83 -8.12 6.59
N LEU A 45 -16.67 -8.63 6.98
CA LEU A 45 -15.55 -8.75 6.06
C LEU A 45 -15.74 -10.00 5.20
N GLY A 46 -16.14 -11.10 5.84
CA GLY A 46 -16.38 -12.33 5.13
C GLY A 46 -16.96 -13.37 6.06
N GLU A 47 -17.56 -14.40 5.48
CA GLU A 47 -18.16 -15.47 6.25
C GLU A 47 -17.62 -16.81 5.78
N GLY A 48 -17.27 -17.65 6.75
CA GLY A 48 -16.86 -19.01 6.48
C GLY A 48 -17.90 -19.99 6.99
N SER A 49 -17.59 -21.28 6.88
CA SER A 49 -18.56 -22.29 7.26
C SER A 49 -18.93 -22.24 8.75
N PHE A 50 -17.98 -21.82 9.58
CA PHE A 50 -18.21 -21.82 11.03
C PHE A 50 -18.09 -20.47 11.72
N SER A 51 -17.89 -19.41 10.95
CA SER A 51 -17.64 -18.12 11.55
C SER A 51 -17.93 -16.95 10.64
N THR A 52 -18.01 -15.78 11.24
CA THR A 52 -18.10 -14.53 10.53
C THR A 52 -16.97 -13.64 11.02
N VAL A 53 -16.22 -13.05 10.09
CA VAL A 53 -15.20 -12.09 10.45
C VAL A 53 -15.74 -10.68 10.20
N VAL A 54 -15.73 -9.85 11.24
CA VAL A 54 -16.39 -8.56 11.19
C VAL A 54 -15.44 -7.45 11.59
N LEU A 55 -15.43 -6.38 10.80
CA LEU A 55 -14.64 -5.21 11.13
C LEU A 55 -15.30 -4.53 12.33
N ALA A 56 -14.53 -4.27 13.37
CA ALA A 56 -15.08 -3.69 14.59
C ALA A 56 -14.16 -2.64 15.19
N ARG A 57 -14.75 -1.65 15.83
CA ARG A 57 -13.98 -0.59 16.45
C ARG A 57 -14.17 -0.69 17.96
N GLU A 58 -13.07 -0.88 18.68
CA GLU A 58 -13.13 -0.79 20.13
C GLU A 58 -13.35 0.67 20.51
N LEU A 59 -14.50 0.94 21.11
CA LEU A 59 -14.96 2.31 21.27
C LEU A 59 -14.09 3.16 22.19
N ALA A 60 -13.71 2.63 23.35
CA ALA A 60 -12.87 3.37 24.30
C ALA A 60 -11.58 3.93 23.66
N THR A 61 -10.94 3.17 22.77
CA THR A 61 -9.67 3.59 22.19
C THR A 61 -9.71 3.86 20.69
N SER A 62 -10.88 3.68 20.08
CA SER A 62 -11.04 3.92 18.65
C SER A 62 -10.20 2.97 17.79
N ARG A 63 -9.78 1.86 18.38
CA ARG A 63 -8.93 0.91 17.66
C ARG A 63 -9.77 -0.06 16.82
N GLU A 64 -9.33 -0.30 15.59
CA GLU A 64 -10.01 -1.26 14.69
C GLU A 64 -9.43 -2.66 14.81
N TYR A 65 -10.31 -3.65 14.82
CA TYR A 65 -9.93 -5.06 14.87
C TYR A 65 -10.80 -5.85 13.91
N ALA A 66 -10.24 -6.95 13.40
CA ALA A 66 -11.03 -7.94 12.71
C ALA A 66 -11.44 -8.92 13.79
N ILE A 67 -12.73 -8.98 14.10
CA ILE A 67 -13.17 -9.93 15.09
C ILE A 67 -13.80 -11.16 14.45
N LYS A 68 -13.21 -12.30 14.71
CA LYS A 68 -13.74 -13.56 14.21
C LYS A 68 -14.76 -14.07 15.20
N ILE A 69 -16.00 -14.17 14.75
CA ILE A 69 -17.13 -14.58 15.58
C ILE A 69 -17.54 -16.01 15.25
N LEU A 70 -17.44 -16.88 16.24
CA LEU A 70 -17.73 -18.29 16.07
C LEU A 70 -18.99 -18.71 16.81
N GLU A 71 -19.84 -19.46 16.12
CA GLU A 71 -21.10 -19.93 16.71
C GLU A 71 -20.85 -21.25 17.42
N LYS A 72 -20.98 -21.25 18.74
CA LYS A 72 -20.63 -22.43 19.55
C LYS A 72 -21.37 -23.69 19.11
N ARG A 73 -22.69 -23.60 19.00
CA ARG A 73 -23.51 -24.73 18.60
C ARG A 73 -23.02 -25.38 17.30
N HIS A 74 -22.79 -24.56 16.27
CA HIS A 74 -22.40 -25.07 14.97
C HIS A 74 -21.09 -25.86 15.04
N ILE A 75 -20.14 -25.35 15.81
CA ILE A 75 -18.85 -25.98 15.98
C ILE A 75 -18.92 -27.21 16.89
N ILE A 76 -19.69 -27.09 17.98
CA ILE A 76 -19.96 -28.22 18.86
C ILE A 76 -20.49 -29.36 18.01
N LYS A 77 -21.60 -29.10 17.33
CA LYS A 77 -22.31 -30.13 16.56
C LYS A 77 -21.48 -30.71 15.40
N GLU A 78 -20.46 -29.99 14.94
CA GLU A 78 -19.66 -30.48 13.83
C GLU A 78 -18.31 -31.04 14.26
N ASN A 79 -18.12 -31.22 15.57
CA ASN A 79 -16.85 -31.72 16.11
C ASN A 79 -15.65 -30.96 15.56
N LYS A 80 -15.72 -29.64 15.61
CA LYS A 80 -14.64 -28.80 15.07
C LYS A 80 -13.85 -28.06 16.15
N VAL A 81 -14.23 -28.24 17.40
CA VAL A 81 -13.57 -27.55 18.51
C VAL A 81 -12.03 -27.53 18.47
N PRO A 82 -11.38 -28.67 18.18
CA PRO A 82 -9.92 -28.65 18.11
C PRO A 82 -9.44 -27.56 17.16
N TYR A 83 -10.14 -27.41 16.04
CA TYR A 83 -9.86 -26.36 15.08
C TYR A 83 -9.85 -25.00 15.79
N VAL A 84 -10.65 -24.89 16.85
CA VAL A 84 -10.88 -23.61 17.54
C VAL A 84 -9.81 -23.29 18.58
N THR A 85 -9.39 -24.30 19.34
CA THR A 85 -8.34 -24.14 20.33
C THR A 85 -6.97 -23.99 19.64
N ARG A 86 -6.71 -24.80 18.62
CA ARG A 86 -5.48 -24.68 17.85
C ARG A 86 -5.38 -23.29 17.28
N GLU A 87 -6.51 -22.76 16.82
CA GLU A 87 -6.53 -21.43 16.26
C GLU A 87 -6.11 -20.43 17.33
N ARG A 88 -6.80 -20.47 18.46
CA ARG A 88 -6.50 -19.54 19.56
C ARG A 88 -5.06 -19.71 20.03
N ASP A 89 -4.67 -20.96 20.28
CA ASP A 89 -3.31 -21.28 20.72
C ASP A 89 -2.21 -20.82 19.75
N VAL A 90 -2.31 -21.21 18.49
CA VAL A 90 -1.27 -20.86 17.52
C VAL A 90 -1.14 -19.36 17.33
N MET A 91 -2.26 -18.68 17.12
CA MET A 91 -2.23 -17.24 16.93
C MET A 91 -1.69 -16.48 18.13
N SER A 92 -1.91 -17.01 19.33
CA SER A 92 -1.42 -16.37 20.53
C SER A 92 0.12 -16.37 20.60
N ARG A 93 0.75 -17.33 19.91
CA ARG A 93 2.21 -17.37 19.94
C ARG A 93 2.88 -16.73 18.71
N LEU A 94 2.07 -16.21 17.80
CA LEU A 94 2.61 -15.49 16.64
C LEU A 94 2.95 -14.05 17.01
N ASP A 95 4.22 -13.70 16.88
CA ASP A 95 4.65 -12.33 17.10
C ASP A 95 5.71 -11.93 16.08
N HIS A 96 5.29 -11.80 14.84
CA HIS A 96 6.19 -11.47 13.75
C HIS A 96 5.42 -10.58 12.80
N PRO A 97 6.10 -9.65 12.13
CA PRO A 97 5.37 -8.64 11.35
C PRO A 97 4.50 -9.19 10.22
N PHE A 98 4.82 -10.37 9.68
CA PHE A 98 4.07 -10.90 8.54
C PHE A 98 2.96 -11.87 8.96
N PHE A 99 2.52 -11.79 10.19
CA PHE A 99 1.40 -12.61 10.64
C PHE A 99 0.30 -11.81 11.32
N VAL A 100 -0.94 -12.21 11.12
CA VAL A 100 -2.05 -11.67 11.92
C VAL A 100 -1.81 -12.05 13.38
N LYS A 101 -2.15 -11.13 14.29
CA LYS A 101 -1.99 -11.38 15.71
C LYS A 101 -3.35 -11.51 16.39
N LEU A 102 -3.40 -12.34 17.42
CA LEU A 102 -4.57 -12.45 18.27
C LEU A 102 -4.34 -11.59 19.50
N TYR A 103 -5.20 -10.62 19.71
CA TYR A 103 -5.03 -9.65 20.80
C TYR A 103 -5.88 -9.98 22.02
N PHE A 104 -7.04 -10.60 21.80
CA PHE A 104 -7.95 -10.91 22.90
C PHE A 104 -8.96 -11.97 22.49
N CYS A 105 -9.65 -12.54 23.47
CA CYS A 105 -10.68 -13.52 23.23
C CYS A 105 -11.71 -13.30 24.29
N PHE A 106 -12.98 -13.28 23.90
CA PHE A 106 -14.05 -13.31 24.90
C PHE A 106 -15.21 -14.14 24.38
N GLN A 107 -16.21 -14.33 25.22
CA GLN A 107 -17.31 -15.18 24.87
C GLN A 107 -18.59 -14.85 25.59
N ASP A 108 -19.67 -15.30 24.99
CA ASP A 108 -21.00 -15.31 25.57
C ASP A 108 -21.56 -16.70 25.36
N ASP A 109 -22.81 -16.87 25.67
CA ASP A 109 -23.45 -18.16 25.48
C ASP A 109 -23.47 -18.60 24.05
N GLU A 110 -23.80 -17.69 23.17
CA GLU A 110 -23.87 -18.02 21.77
C GLU A 110 -22.58 -18.25 21.03
N LYS A 111 -21.60 -17.41 21.32
CA LYS A 111 -20.41 -17.17 20.53
C LYS A 111 -19.09 -17.05 21.28
N LEU A 112 -18.04 -17.27 20.49
CA LEU A 112 -16.64 -17.08 20.79
C LEU A 112 -16.15 -15.93 19.93
N TYR A 113 -15.47 -14.99 20.53
CA TYR A 113 -14.94 -13.85 19.78
C TYR A 113 -13.41 -13.79 19.83
N PHE A 114 -12.76 -13.86 18.67
CA PHE A 114 -11.33 -13.66 18.57
C PHE A 114 -11.02 -12.26 18.04
N GLY A 115 -10.31 -11.45 18.82
CA GLY A 115 -9.88 -10.13 18.39
C GLY A 115 -8.58 -10.19 17.59
N LEU A 116 -8.65 -9.90 16.29
CA LEU A 116 -7.49 -10.06 15.40
C LEU A 116 -7.01 -8.76 14.75
N SER A 117 -5.74 -8.74 14.36
CA SER A 117 -5.23 -7.69 13.50
C SER A 117 -6.14 -7.53 12.31
N TYR A 118 -6.46 -6.28 11.98
CA TYR A 118 -7.24 -5.98 10.80
C TYR A 118 -6.27 -5.67 9.67
N ALA A 119 -6.41 -6.37 8.54
CA ALA A 119 -5.59 -6.08 7.36
C ALA A 119 -6.44 -5.35 6.33
N LYS A 120 -6.31 -4.03 6.32
CA LYS A 120 -7.22 -3.15 5.58
C LYS A 120 -7.30 -3.46 4.09
N ASN A 121 -6.21 -3.95 3.51
CA ASN A 121 -6.22 -4.15 2.06
C ASN A 121 -6.62 -5.54 1.58
N GLY A 122 -7.09 -6.37 2.51
CA GLY A 122 -7.73 -7.61 2.15
C GLY A 122 -6.78 -8.69 1.66
N GLU A 123 -7.27 -9.54 0.77
CA GLU A 123 -6.55 -10.77 0.40
C GLU A 123 -5.64 -10.61 -0.81
N LEU A 124 -4.51 -11.33 -0.79
CA LEU A 124 -3.60 -11.37 -1.92
C LEU A 124 -4.41 -11.79 -3.14
N LEU A 125 -5.31 -12.74 -2.94
CA LEU A 125 -6.21 -13.23 -3.98
C LEU A 125 -6.87 -12.09 -4.73
N LYS A 126 -7.42 -11.14 -3.99
CA LYS A 126 -8.10 -10.00 -4.59
C LYS A 126 -7.20 -9.32 -5.61
N TYR A 127 -5.91 -9.22 -5.30
CA TYR A 127 -5.00 -8.55 -6.19
C TYR A 127 -4.61 -9.36 -7.42
N ILE A 128 -4.55 -10.67 -7.26
CA ILE A 128 -4.31 -11.56 -8.39
C ILE A 128 -5.49 -11.43 -9.37
N ARG A 129 -6.71 -11.42 -8.83
CA ARG A 129 -7.89 -11.27 -9.67
C ARG A 129 -7.86 -9.91 -10.36
N LYS A 130 -7.60 -8.86 -9.59
CA LYS A 130 -7.64 -7.49 -10.09
C LYS A 130 -6.54 -7.17 -11.11
N ILE A 131 -5.30 -7.55 -10.80
CA ILE A 131 -4.17 -7.24 -11.68
C ILE A 131 -3.96 -8.29 -12.76
N GLY A 132 -4.46 -9.50 -12.53
CA GLY A 132 -4.26 -10.60 -13.47
C GLY A 132 -3.04 -11.43 -13.16
N SER A 133 -1.86 -10.81 -13.18
CA SER A 133 -0.60 -11.46 -12.78
C SER A 133 0.42 -10.39 -12.41
N PHE A 134 1.37 -10.71 -11.54
CA PHE A 134 2.33 -9.72 -11.05
C PHE A 134 3.56 -9.65 -11.95
N ASP A 135 4.16 -8.46 -12.06
CA ASP A 135 5.42 -8.35 -12.78
C ASP A 135 6.53 -8.98 -11.92
N GLU A 136 7.74 -9.03 -12.45
CA GLU A 136 8.84 -9.68 -11.73
C GLU A 136 9.19 -9.00 -10.41
N THR A 137 9.21 -7.67 -10.40
CA THR A 137 9.51 -6.91 -9.19
C THR A 137 8.55 -7.24 -8.07
N CYS A 138 7.25 -7.17 -8.36
CA CYS A 138 6.19 -7.48 -7.40
C CYS A 138 6.18 -8.94 -6.95
N THR A 139 6.30 -9.86 -7.91
CA THR A 139 6.36 -11.29 -7.60
C THR A 139 7.53 -11.56 -6.65
N ARG A 140 8.67 -10.93 -6.92
CA ARG A 140 9.89 -11.17 -6.15
C ARG A 140 9.74 -10.63 -4.73
N PHE A 141 9.20 -9.41 -4.61
CA PHE A 141 9.01 -8.81 -3.31
C PHE A 141 8.07 -9.65 -2.43
N TYR A 142 6.85 -9.86 -2.90
CA TYR A 142 5.88 -10.66 -2.13
C TYR A 142 6.30 -12.09 -1.87
N THR A 143 6.98 -12.72 -2.83
CA THR A 143 7.47 -14.07 -2.57
C THR A 143 8.46 -14.01 -1.41
N ALA A 144 9.31 -13.01 -1.42
CA ALA A 144 10.32 -12.86 -0.37
C ALA A 144 9.68 -12.69 1.01
N GLU A 145 8.62 -11.88 1.08
CA GLU A 145 7.93 -11.74 2.37
C GLU A 145 7.32 -13.07 2.81
N ILE A 146 6.75 -13.82 1.86
CA ILE A 146 6.18 -15.14 2.20
C ILE A 146 7.24 -16.12 2.69
N VAL A 147 8.40 -16.13 2.04
CA VAL A 147 9.53 -16.96 2.44
C VAL A 147 9.98 -16.61 3.85
N SER A 148 10.14 -15.32 4.10
CA SER A 148 10.53 -14.82 5.40
C SER A 148 9.51 -15.22 6.48
N ALA A 149 8.22 -15.17 6.16
CA ALA A 149 7.18 -15.55 7.10
C ALA A 149 7.22 -17.06 7.39
N LEU A 150 7.33 -17.87 6.34
CA LEU A 150 7.42 -19.31 6.51
C LEU A 150 8.66 -19.71 7.32
N GLU A 151 9.77 -18.99 7.13
CA GLU A 151 10.96 -19.27 7.91
C GLU A 151 10.67 -19.10 9.39
N TYR A 152 10.01 -17.99 9.73
CA TYR A 152 9.61 -17.74 11.11
C TYR A 152 8.70 -18.85 11.61
N LEU A 153 7.68 -19.20 10.83
CA LEU A 153 6.68 -20.16 11.28
C LEU A 153 7.30 -21.53 11.52
N HIS A 154 8.10 -21.98 10.55
CA HIS A 154 8.74 -23.29 10.63
C HIS A 154 9.74 -23.38 11.77
N GLY A 155 10.45 -22.29 12.02
CA GLY A 155 11.34 -22.20 13.16
C GLY A 155 10.60 -22.37 14.47
N LYS A 156 9.32 -22.01 14.49
CA LYS A 156 8.50 -22.21 15.69
C LYS A 156 7.84 -23.60 15.75
N GLY A 157 8.15 -24.44 14.77
CA GLY A 157 7.57 -25.77 14.72
C GLY A 157 6.10 -25.78 14.34
N ILE A 158 5.69 -24.78 13.56
CA ILE A 158 4.30 -24.68 13.10
C ILE A 158 4.22 -24.88 11.58
N ILE A 159 3.34 -25.75 11.13
CA ILE A 159 3.06 -25.99 9.75
C ILE A 159 1.73 -25.36 9.37
N HIS A 160 1.74 -24.50 8.39
CA HIS A 160 0.51 -23.84 8.06
C HIS A 160 -0.59 -24.75 7.55
N ARG A 161 -0.25 -25.58 6.57
CA ARG A 161 -1.06 -26.64 6.01
C ARG A 161 -2.17 -26.16 5.07
N ASP A 162 -2.45 -24.88 5.00
CA ASP A 162 -3.44 -24.30 4.08
C ASP A 162 -3.08 -22.93 3.48
N LEU A 163 -1.80 -22.78 3.16
CA LEU A 163 -1.29 -21.53 2.66
C LEU A 163 -1.85 -21.29 1.26
N LYS A 164 -2.44 -20.12 1.06
CA LYS A 164 -3.01 -19.77 -0.24
C LYS A 164 -3.27 -18.26 -0.31
N PRO A 165 -3.43 -17.72 -1.52
CA PRO A 165 -3.61 -16.27 -1.61
C PRO A 165 -4.79 -15.76 -0.80
N GLU A 166 -5.79 -16.61 -0.57
CA GLU A 166 -6.95 -16.25 0.22
C GLU A 166 -6.59 -15.89 1.68
N ASN A 167 -5.54 -16.51 2.22
CA ASN A 167 -5.20 -16.21 3.61
C ASN A 167 -3.83 -15.53 3.81
N ILE A 168 -3.31 -15.00 2.71
CA ILE A 168 -2.20 -14.07 2.79
C ILE A 168 -2.81 -12.69 2.61
N LEU A 169 -2.93 -11.96 3.71
CA LEU A 169 -3.60 -10.66 3.68
C LEU A 169 -2.61 -9.53 3.46
N LEU A 170 -3.12 -8.35 3.12
CA LEU A 170 -2.30 -7.16 2.93
C LEU A 170 -2.76 -6.06 3.86
N ASN A 171 -1.84 -5.53 4.67
CA ASN A 171 -2.21 -4.48 5.60
C ASN A 171 -2.17 -3.11 4.92
N GLU A 172 -2.41 -2.06 5.70
CA GLU A 172 -2.55 -0.72 5.13
C GLU A 172 -1.28 -0.29 4.40
N ASP A 173 -0.12 -0.76 4.87
CA ASP A 173 1.16 -0.45 4.23
CA ASP A 173 1.15 -0.44 4.22
C ASP A 173 1.52 -1.42 3.11
N MET A 174 0.60 -2.33 2.79
CA MET A 174 0.77 -3.31 1.72
C MET A 174 1.88 -4.37 1.97
N HIS A 175 2.27 -4.51 3.23
CA HIS A 175 3.03 -5.68 3.65
C HIS A 175 2.07 -6.83 3.95
N ILE A 176 2.55 -8.07 3.86
CA ILE A 176 1.67 -9.23 4.03
C ILE A 176 1.40 -9.52 5.51
N GLN A 177 0.26 -10.14 5.78
CA GLN A 177 -0.08 -10.65 7.09
C GLN A 177 -0.82 -11.96 6.87
N ILE A 178 -0.16 -13.06 7.21
CA ILE A 178 -0.73 -14.39 6.97
C ILE A 178 -1.66 -14.73 8.12
N THR A 179 -2.77 -15.33 7.78
CA THR A 179 -3.81 -15.72 8.72
C THR A 179 -4.32 -17.16 8.47
N ASP A 180 -5.44 -17.50 9.11
CA ASP A 180 -6.12 -18.76 8.92
C ASP A 180 -5.33 -19.95 9.52
N PHE A 181 -5.20 -19.96 10.84
CA PHE A 181 -4.45 -20.97 11.58
C PHE A 181 -5.24 -22.12 12.30
N GLY A 182 -6.54 -22.14 12.18
CA GLY A 182 -7.27 -23.20 12.80
C GLY A 182 -6.87 -24.57 12.24
N THR A 183 -6.44 -24.60 10.99
CA THR A 183 -6.09 -25.85 10.33
C THR A 183 -4.58 -26.17 10.35
N ALA A 184 -3.82 -25.40 11.14
CA ALA A 184 -2.37 -25.60 11.21
C ALA A 184 -2.01 -26.84 12.03
N LYS A 185 -0.79 -27.34 11.81
CA LYS A 185 -0.26 -28.47 12.58
C LYS A 185 0.89 -27.96 13.44
N VAL A 186 0.85 -28.28 14.73
CA VAL A 186 1.93 -27.95 15.64
C VAL A 186 2.71 -29.21 15.96
N LEU A 187 4.04 -29.13 15.80
CA LEU A 187 4.90 -30.26 16.14
C LEU A 187 5.17 -30.28 17.64
N SER A 188 4.53 -31.20 18.34
CA SER A 188 4.66 -31.28 19.80
C SER A 188 4.97 -32.71 20.25
N PHE A 199 -7.12 -34.26 7.48
CA PHE A 199 -7.29 -32.95 6.85
C PHE A 199 -6.63 -32.90 5.48
N VAL A 200 -7.30 -32.25 4.54
CA VAL A 200 -6.73 -31.97 3.23
C VAL A 200 -7.02 -30.52 2.90
N GLY A 201 -5.97 -29.69 2.86
CA GLY A 201 -6.13 -28.30 2.51
C GLY A 201 -6.71 -28.07 1.13
N THR A 202 -6.78 -26.80 0.73
CA THR A 202 -7.35 -26.40 -0.54
C THR A 202 -6.66 -27.13 -1.70
N ALA A 203 -7.48 -27.66 -2.61
CA ALA A 203 -7.00 -28.63 -3.62
C ALA A 203 -5.84 -28.11 -4.46
N GLN A 204 -5.93 -26.85 -4.88
CA GLN A 204 -4.90 -26.22 -5.72
C GLN A 204 -3.51 -26.25 -5.09
N TYR A 205 -3.43 -26.18 -3.75
CA TYR A 205 -2.16 -25.96 -3.07
C TYR A 205 -1.71 -27.11 -2.19
N VAL A 206 -2.52 -28.17 -2.11
CA VAL A 206 -2.21 -29.30 -1.25
C VAL A 206 -1.02 -30.11 -1.78
N SER A 207 -0.21 -30.64 -0.86
CA SER A 207 1.02 -31.34 -1.20
C SER A 207 0.73 -32.81 -1.43
N PRO A 208 1.60 -33.49 -2.20
CA PRO A 208 1.45 -34.91 -2.49
C PRO A 208 1.50 -35.75 -1.23
N GLU A 209 2.36 -35.37 -0.29
CA GLU A 209 2.53 -36.19 0.92
C GLU A 209 1.27 -36.16 1.79
N LEU A 210 0.60 -35.02 1.87
CA LEU A 210 -0.65 -34.94 2.62
C LEU A 210 -1.73 -35.81 1.98
N LEU A 211 -1.81 -35.78 0.66
CA LEU A 211 -2.76 -36.62 -0.06
C LEU A 211 -2.50 -38.12 0.19
N THR A 212 -1.27 -38.54 -0.08
CA THR A 212 -0.95 -39.96 -0.13
C THR A 212 -0.51 -40.56 1.20
N GLU A 213 0.05 -39.73 2.08
CA GLU A 213 0.59 -40.21 3.36
C GLU A 213 -0.26 -39.76 4.55
N LYS A 214 -1.20 -38.86 4.29
CA LYS A 214 -2.07 -38.32 5.35
C LYS A 214 -1.28 -37.50 6.37
N SER A 215 -0.12 -37.02 5.96
CA SER A 215 0.74 -36.31 6.87
C SER A 215 1.43 -35.15 6.16
N ALA A 216 1.18 -33.93 6.62
CA ALA A 216 1.92 -32.77 6.11
C ALA A 216 3.20 -32.61 6.93
N CYS A 217 4.16 -31.86 6.39
CA CYS A 217 5.35 -31.46 7.13
C CYS A 217 5.64 -30.02 6.76
N LYS A 218 6.64 -29.40 7.38
CA LYS A 218 6.98 -28.02 7.08
C LYS A 218 7.10 -27.82 5.57
N SER A 219 7.78 -28.77 4.93
CA SER A 219 8.02 -28.74 3.49
C SER A 219 6.71 -28.65 2.67
N SER A 220 5.61 -29.12 3.24
CA SER A 220 4.32 -29.03 2.54
C SER A 220 3.96 -27.57 2.25
N ASP A 221 4.37 -26.67 3.14
CA ASP A 221 4.12 -25.24 2.95
C ASP A 221 5.02 -24.69 1.82
N LEU A 222 6.17 -25.32 1.61
CA LEU A 222 7.05 -24.87 0.54
C LEU A 222 6.50 -25.31 -0.82
N TRP A 223 5.83 -26.46 -0.83
CA TRP A 223 5.09 -26.87 -2.02
C TRP A 223 4.01 -25.84 -2.34
N ALA A 224 3.24 -25.44 -1.31
CA ALA A 224 2.23 -24.40 -1.50
C ALA A 224 2.85 -23.09 -2.01
N LEU A 225 4.02 -22.73 -1.48
CA LEU A 225 4.75 -21.56 -1.96
C LEU A 225 5.04 -21.66 -3.47
N GLY A 226 5.50 -22.83 -3.91
CA GLY A 226 5.73 -23.06 -5.32
C GLY A 226 4.47 -22.78 -6.14
N CYS A 227 3.33 -23.24 -5.65
CA CYS A 227 2.07 -23.05 -6.34
C CYS A 227 1.71 -21.58 -6.39
N ILE A 228 1.98 -20.88 -5.30
CA ILE A 228 1.67 -19.46 -5.17
C ILE A 228 2.57 -18.62 -6.08
N ILE A 229 3.86 -18.90 -6.09
CA ILE A 229 4.76 -18.22 -7.01
C ILE A 229 4.27 -18.40 -8.43
N TYR A 230 3.96 -19.63 -8.81
CA TYR A 230 3.43 -19.93 -10.13
C TYR A 230 2.17 -19.10 -10.41
N GLN A 231 1.27 -19.04 -9.44
CA GLN A 231 0.02 -18.30 -9.63
C GLN A 231 0.25 -16.80 -9.85
N LEU A 232 1.18 -16.22 -9.08
CA LEU A 232 1.51 -14.80 -9.23
C LEU A 232 2.05 -14.48 -10.61
N VAL A 233 2.92 -15.34 -11.11
CA VAL A 233 3.54 -15.12 -12.41
C VAL A 233 2.58 -15.41 -13.57
N ALA A 234 1.87 -16.53 -13.49
CA ALA A 234 1.01 -16.98 -14.59
C ALA A 234 -0.40 -16.42 -14.51
N GLY A 235 -0.83 -16.01 -13.32
CA GLY A 235 -2.21 -15.56 -13.13
C GLY A 235 -3.16 -16.68 -12.75
N LEU A 236 -2.65 -17.92 -12.77
CA LEU A 236 -3.42 -19.10 -12.42
C LEU A 236 -2.52 -20.11 -11.71
N PRO A 237 -3.11 -20.94 -10.85
CA PRO A 237 -2.30 -21.97 -10.18
C PRO A 237 -1.93 -23.11 -11.14
N PRO A 238 -0.87 -23.87 -10.80
CA PRO A 238 -0.30 -24.82 -11.76
C PRO A 238 -1.11 -26.09 -11.99
N PHE A 239 -1.75 -26.62 -10.95
CA PHE A 239 -2.51 -27.86 -11.07
C PHE A 239 -3.97 -27.48 -11.18
N ARG A 240 -4.48 -27.58 -12.40
CA ARG A 240 -5.82 -27.14 -12.73
C ARG A 240 -6.54 -28.29 -13.41
N ALA A 241 -7.81 -28.47 -13.07
CA ALA A 241 -8.60 -29.52 -13.70
C ALA A 241 -10.04 -29.34 -13.30
N GLY A 242 -10.92 -30.15 -13.88
CA GLY A 242 -12.35 -29.95 -13.80
C GLY A 242 -12.98 -30.24 -12.46
N ASN A 243 -12.28 -31.03 -11.63
CA ASN A 243 -12.74 -31.25 -10.26
C ASN A 243 -11.61 -31.60 -9.31
N GLU A 244 -11.93 -31.68 -8.04
CA GLU A 244 -10.96 -31.99 -7.01
C GLU A 244 -10.21 -33.31 -7.28
N TYR A 245 -10.92 -34.34 -7.72
CA TYR A 245 -10.28 -35.63 -7.99
C TYR A 245 -9.21 -35.50 -9.08
N LEU A 246 -9.57 -34.81 -10.15
CA LEU A 246 -8.68 -34.64 -11.29
C LEU A 246 -7.48 -33.74 -10.95
N ILE A 247 -7.70 -32.77 -10.06
CA ILE A 247 -6.59 -31.91 -9.61
C ILE A 247 -5.60 -32.74 -8.81
N PHE A 248 -6.11 -33.57 -7.91
CA PHE A 248 -5.27 -34.47 -7.12
C PHE A 248 -4.42 -35.36 -8.01
N GLN A 249 -5.03 -35.92 -9.03
CA GLN A 249 -4.30 -36.77 -9.98
C GLN A 249 -3.11 -36.05 -10.58
N LYS A 250 -3.32 -34.81 -11.03
CA LYS A 250 -2.24 -34.00 -11.58
C LYS A 250 -1.15 -33.75 -10.52
N ILE A 251 -1.56 -33.40 -9.30
CA ILE A 251 -0.61 -33.19 -8.21
C ILE A 251 0.32 -34.40 -8.03
N ILE A 252 -0.27 -35.59 -7.88
CA ILE A 252 0.49 -36.80 -7.61
C ILE A 252 1.43 -37.19 -8.74
N LYS A 253 1.07 -36.84 -9.98
CA LYS A 253 1.92 -37.16 -11.13
C LYS A 253 2.80 -35.97 -11.52
N LEU A 254 2.71 -34.89 -10.74
CA LEU A 254 3.46 -33.67 -11.06
C LEU A 254 3.20 -33.23 -12.50
N GLU A 255 1.93 -33.18 -12.88
CA GLU A 255 1.53 -32.83 -14.25
C GLU A 255 1.09 -31.36 -14.32
N TYR A 256 1.96 -30.52 -14.87
CA TYR A 256 1.66 -29.11 -15.06
C TYR A 256 2.65 -28.56 -16.07
N ASP A 257 2.35 -27.36 -16.58
CA ASP A 257 3.16 -26.76 -17.62
C ASP A 257 3.40 -25.30 -17.25
N PHE A 258 4.42 -24.70 -17.84
CA PHE A 258 4.69 -23.28 -17.66
C PHE A 258 4.21 -22.53 -18.90
N PRO A 259 3.51 -21.42 -18.71
CA PRO A 259 3.11 -20.64 -19.89
C PRO A 259 4.34 -19.93 -20.47
N GLU A 260 4.18 -19.31 -21.63
CA GLU A 260 5.31 -18.65 -22.30
C GLU A 260 5.78 -17.36 -21.64
N LYS A 261 4.94 -16.79 -20.78
CA LYS A 261 5.25 -15.53 -20.09
C LYS A 261 6.18 -15.70 -18.88
N PHE A 262 6.44 -16.94 -18.50
CA PHE A 262 7.07 -17.21 -17.20
C PHE A 262 8.53 -16.78 -17.09
N PHE A 263 8.83 -15.91 -16.12
CA PHE A 263 10.21 -15.45 -15.88
C PHE A 263 11.13 -16.65 -15.66
N PRO A 264 12.27 -16.69 -16.39
CA PRO A 264 13.19 -17.82 -16.33
C PRO A 264 13.65 -18.18 -14.91
N LYS A 265 13.96 -17.20 -14.07
CA LYS A 265 14.44 -17.53 -12.72
C LYS A 265 13.29 -18.06 -11.86
N ALA A 266 12.08 -17.59 -12.14
CA ALA A 266 10.92 -18.07 -11.41
C ALA A 266 10.57 -19.48 -11.86
N ARG A 267 10.77 -19.77 -13.13
CA ARG A 267 10.57 -21.12 -13.62
C ARG A 267 11.46 -22.07 -12.84
N ASP A 268 12.74 -21.75 -12.75
CA ASP A 268 13.66 -22.60 -12.02
C ASP A 268 13.27 -22.78 -10.55
N LEU A 269 12.93 -21.68 -9.89
CA LEU A 269 12.56 -21.73 -8.48
C LEU A 269 11.35 -22.64 -8.24
N VAL A 270 10.30 -22.45 -9.01
CA VAL A 270 9.11 -23.31 -8.95
C VAL A 270 9.45 -24.79 -9.14
N GLU A 271 10.31 -25.09 -10.11
CA GLU A 271 10.72 -26.47 -10.34
C GLU A 271 11.49 -27.05 -9.14
N LYS A 272 12.11 -26.18 -8.36
CA LYS A 272 12.83 -26.63 -7.17
C LYS A 272 11.95 -26.68 -5.92
N LEU A 273 10.73 -26.14 -6.03
CA LEU A 273 9.75 -26.22 -4.96
C LEU A 273 8.71 -27.34 -5.21
N LEU A 274 8.26 -27.45 -6.46
CA LEU A 274 7.28 -28.48 -6.81
C LEU A 274 7.98 -29.81 -7.11
N VAL A 275 8.43 -30.47 -6.04
CA VAL A 275 9.15 -31.73 -6.13
C VAL A 275 8.38 -32.73 -5.27
N LEU A 276 8.08 -33.90 -5.81
CA LEU A 276 7.22 -34.87 -5.09
C LEU A 276 7.77 -35.25 -3.73
N ASP A 277 9.07 -35.53 -3.69
CA ASP A 277 9.75 -35.88 -2.45
C ASP A 277 9.89 -34.64 -1.54
N ALA A 278 9.17 -34.62 -0.42
CA ALA A 278 9.18 -33.46 0.49
C ALA A 278 10.54 -33.15 1.12
N THR A 279 11.49 -34.10 1.06
CA THR A 279 12.81 -33.89 1.66
C THR A 279 13.81 -33.34 0.64
N LYS A 280 13.32 -33.00 -0.55
CA LYS A 280 14.19 -32.50 -1.60
C LYS A 280 13.74 -31.14 -2.15
N ARG A 281 12.88 -30.45 -1.42
CA ARG A 281 12.45 -29.11 -1.83
C ARG A 281 13.45 -28.04 -1.36
N LEU A 282 13.78 -27.13 -2.26
CA LEU A 282 14.64 -26.00 -1.88
C LEU A 282 14.05 -25.28 -0.67
N GLY A 283 14.85 -25.13 0.37
CA GLY A 283 14.37 -24.48 1.60
C GLY A 283 14.01 -25.45 2.73
N CYS A 284 13.81 -26.72 2.42
CA CYS A 284 13.42 -27.66 3.46
C CYS A 284 14.64 -28.03 4.31
N GLU A 285 14.37 -28.56 5.50
CA GLU A 285 15.42 -28.89 6.47
C GLU A 285 16.46 -29.86 5.91
N GLU A 286 16.01 -30.90 5.22
CA GLU A 286 16.90 -31.92 4.65
C GLU A 286 17.76 -31.38 3.51
N MET A 287 17.38 -30.22 2.98
CA MET A 287 18.16 -29.55 1.93
C MET A 287 18.93 -28.39 2.56
N GLU A 288 19.06 -28.43 3.90
CA GLU A 288 19.83 -27.46 4.68
C GLU A 288 19.17 -26.08 4.86
N GLY A 289 17.85 -26.04 4.73
CA GLY A 289 17.09 -24.91 5.23
C GLY A 289 16.94 -23.71 4.33
N TYR A 290 16.63 -22.58 4.97
CA TYR A 290 16.26 -21.34 4.27
C TYR A 290 17.42 -20.60 3.58
N GLY A 291 18.65 -20.80 4.06
CA GLY A 291 19.81 -20.18 3.45
C GLY A 291 19.85 -20.29 1.92
N PRO A 292 19.97 -21.51 1.40
CA PRO A 292 20.04 -21.77 -0.04
C PRO A 292 18.77 -21.32 -0.78
N LEU A 293 17.63 -21.32 -0.10
CA LEU A 293 16.41 -20.81 -0.72
C LEU A 293 16.52 -19.30 -0.92
N LYS A 294 16.91 -18.58 0.12
CA LYS A 294 17.04 -17.13 0.03
C LYS A 294 18.16 -16.73 -0.93
N ALA A 295 19.11 -17.64 -1.20
CA ALA A 295 20.21 -17.35 -2.10
C ALA A 295 19.83 -17.52 -3.58
N HIS A 296 18.66 -18.09 -3.84
CA HIS A 296 18.23 -18.27 -5.23
C HIS A 296 18.26 -16.93 -5.95
N PRO A 297 18.76 -16.92 -7.21
CA PRO A 297 18.92 -15.67 -7.96
C PRO A 297 17.58 -15.01 -8.28
N PHE A 298 16.48 -15.74 -8.14
CA PHE A 298 15.18 -15.09 -8.26
C PHE A 298 15.06 -13.96 -7.24
N PHE A 299 15.81 -14.07 -6.14
CA PHE A 299 15.78 -13.05 -5.09
C PHE A 299 16.96 -12.09 -5.16
N GLU A 300 17.64 -12.11 -6.31
CA GLU A 300 18.92 -11.42 -6.46
C GLU A 300 18.94 -9.99 -5.89
N SER A 301 17.92 -9.21 -6.20
CA SER A 301 17.95 -7.81 -5.81
C SER A 301 17.27 -7.56 -4.46
N VAL A 302 16.92 -8.61 -3.71
CA VAL A 302 16.20 -8.36 -2.47
C VAL A 302 17.10 -8.20 -1.25
N THR A 303 16.72 -7.25 -0.40
CA THR A 303 17.40 -7.05 0.86
C THR A 303 16.57 -7.74 1.93
N TRP A 304 17.06 -8.87 2.40
CA TRP A 304 16.29 -9.69 3.33
C TRP A 304 16.19 -9.06 4.71
N GLU A 305 17.19 -8.27 5.11
CA GLU A 305 17.33 -7.87 6.51
C GLU A 305 16.07 -7.32 7.21
N ASN A 306 15.60 -6.15 6.83
CA ASN A 306 14.37 -5.64 7.45
C ASN A 306 13.28 -5.40 6.40
N LEU A 307 12.92 -6.49 5.73
CA LEU A 307 11.98 -6.50 4.62
C LEU A 307 10.70 -5.78 4.99
N HIS A 308 10.27 -5.98 6.22
CA HIS A 308 9.00 -5.45 6.67
C HIS A 308 9.00 -3.93 6.80
N GLN A 309 10.18 -3.34 6.67
CA GLN A 309 10.32 -1.89 6.78
C GLN A 309 10.49 -1.23 5.43
N GLN A 310 10.71 -2.04 4.40
CA GLN A 310 10.92 -1.54 3.05
C GLN A 310 9.61 -1.15 2.41
N THR A 311 9.66 -0.20 1.50
CA THR A 311 8.48 0.24 0.78
C THR A 311 8.15 -0.77 -0.32
N PRO A 312 6.99 -1.42 -0.22
CA PRO A 312 6.61 -2.40 -1.25
C PRO A 312 6.40 -1.78 -2.61
N PRO A 313 6.81 -2.49 -3.67
CA PRO A 313 6.58 -1.97 -5.03
C PRO A 313 5.08 -1.92 -5.32
N LYS A 314 4.65 -0.86 -5.98
CA LYS A 314 3.25 -0.70 -6.32
C LYS A 314 2.82 -1.86 -7.20
N LEU A 315 1.65 -2.43 -6.91
CA LEU A 315 1.23 -3.62 -7.63
C LEU A 315 1.07 -3.42 -9.14
N THR A 316 2.07 -3.93 -9.85
CA THR A 316 2.16 -4.01 -11.31
C THR A 316 1.39 -2.98 -12.10
N GLN B 30 24.20 -9.55 0.36
CA GLN B 30 23.38 -8.33 0.28
C GLN B 30 23.62 -7.59 -1.04
N PRO B 31 22.53 -7.09 -1.66
CA PRO B 31 22.57 -6.52 -3.02
C PRO B 31 23.33 -5.20 -3.15
N ARG B 32 24.04 -5.05 -4.25
CA ARG B 32 24.79 -3.82 -4.51
C ARG B 32 23.83 -2.69 -4.93
N LYS B 33 24.32 -1.45 -4.82
CA LYS B 33 23.55 -0.31 -5.28
C LYS B 33 23.29 -0.43 -6.77
N LYS B 34 22.14 0.07 -7.21
CA LYS B 34 21.87 0.12 -8.63
C LYS B 34 22.86 1.08 -9.28
N ARG B 35 23.06 0.93 -10.59
CA ARG B 35 23.96 1.81 -11.33
C ARG B 35 23.24 2.29 -12.58
N PRO B 36 23.75 3.36 -13.21
CA PRO B 36 23.07 3.87 -14.40
C PRO B 36 22.95 2.80 -15.49
N GLU B 37 23.92 1.90 -15.58
CA GLU B 37 23.91 0.88 -16.63
C GLU B 37 22.80 -0.15 -16.41
N ASP B 38 22.18 -0.13 -15.24
CA ASP B 38 21.09 -1.07 -14.97
C ASP B 38 19.79 -0.62 -15.63
N PHE B 39 19.80 0.57 -16.22
CA PHE B 39 18.59 1.16 -16.77
C PHE B 39 18.77 1.59 -18.22
N LYS B 40 17.67 1.54 -18.96
CA LYS B 40 17.59 2.23 -20.23
C LYS B 40 16.89 3.56 -19.97
N PHE B 41 17.64 4.65 -20.07
CA PHE B 41 17.07 5.97 -19.84
C PHE B 41 16.28 6.43 -21.06
N GLY B 42 15.02 6.77 -20.85
CA GLY B 42 14.13 7.11 -21.94
C GLY B 42 13.80 8.60 -21.98
N LYS B 43 12.56 8.91 -22.34
CA LYS B 43 12.15 10.28 -22.50
C LYS B 43 12.34 11.07 -21.21
N ILE B 44 12.75 12.32 -21.36
CA ILE B 44 12.80 13.24 -20.25
C ILE B 44 11.36 13.68 -19.99
N LEU B 45 10.96 13.61 -18.72
CA LEU B 45 9.59 13.97 -18.36
C LEU B 45 9.50 15.47 -18.10
N GLY B 46 10.53 16.02 -17.47
CA GLY B 46 10.58 17.44 -17.23
C GLY B 46 11.88 17.83 -16.57
N GLU B 47 12.20 19.12 -16.63
CA GLU B 47 13.40 19.65 -16.00
C GLU B 47 13.08 20.76 -15.03
N GLY B 48 13.75 20.73 -13.90
CA GLY B 48 13.66 21.80 -12.92
C GLY B 48 14.99 22.51 -12.82
N SER B 49 15.11 23.43 -11.87
CA SER B 49 16.32 24.21 -11.73
C SER B 49 17.53 23.34 -11.39
N PHE B 50 17.32 22.32 -10.57
CA PHE B 50 18.42 21.50 -10.08
C PHE B 50 18.37 20.03 -10.48
N SER B 51 17.39 19.66 -11.31
CA SER B 51 17.19 18.26 -11.61
C SER B 51 16.52 18.02 -12.93
N THR B 52 16.71 16.80 -13.44
CA THR B 52 15.97 16.30 -14.58
C THR B 52 15.27 15.02 -14.14
N VAL B 53 13.97 14.91 -14.40
CA VAL B 53 13.23 13.69 -14.13
C VAL B 53 13.06 12.94 -15.46
N VAL B 54 13.53 11.69 -15.48
CA VAL B 54 13.57 10.91 -16.71
C VAL B 54 12.85 9.57 -16.54
N LEU B 55 12.05 9.19 -17.54
CA LEU B 55 11.41 7.88 -17.54
C LEU B 55 12.47 6.83 -17.87
N ALA B 56 12.60 5.82 -17.02
CA ALA B 56 13.65 4.83 -17.19
C ALA B 56 13.09 3.44 -16.97
N ARG B 57 13.67 2.46 -17.66
CA ARG B 57 13.25 1.08 -17.53
C ARG B 57 14.38 0.29 -16.90
N GLU B 58 14.13 -0.27 -15.72
CA GLU B 58 15.11 -1.14 -15.13
C GLU B 58 15.15 -2.41 -15.98
N LEU B 59 16.27 -2.64 -16.64
CA LEU B 59 16.35 -3.62 -17.72
C LEU B 59 16.10 -5.06 -17.27
N ALA B 60 16.67 -5.43 -16.13
CA ALA B 60 16.51 -6.78 -15.63
C ALA B 60 15.03 -7.16 -15.41
N THR B 61 14.24 -6.26 -14.84
CA THR B 61 12.85 -6.60 -14.49
C THR B 61 11.83 -5.91 -15.38
N SER B 62 12.31 -5.11 -16.32
CA SER B 62 11.44 -4.35 -17.22
C SER B 62 10.50 -3.39 -16.48
N ARG B 63 10.84 -3.02 -15.25
CA ARG B 63 10.01 -2.12 -14.47
C ARG B 63 10.34 -0.66 -14.80
N GLU B 64 9.30 0.15 -15.01
CA GLU B 64 9.49 1.59 -15.30
C GLU B 64 9.51 2.40 -14.02
N TYR B 65 10.41 3.39 -14.00
CA TYR B 65 10.56 4.29 -12.87
C TYR B 65 10.74 5.70 -13.40
N ALA B 66 10.32 6.68 -12.60
CA ALA B 66 10.69 8.07 -12.85
C ALA B 66 11.96 8.28 -12.06
N ILE B 67 13.08 8.44 -12.76
CA ILE B 67 14.32 8.70 -12.05
C ILE B 67 14.64 10.18 -12.04
N LYS B 68 14.69 10.77 -10.85
CA LYS B 68 15.10 12.15 -10.69
C LYS B 68 16.61 12.23 -10.59
N ILE B 69 17.22 12.92 -11.54
CA ILE B 69 18.66 13.04 -11.63
C ILE B 69 19.08 14.45 -11.22
N LEU B 70 19.91 14.53 -10.19
CA LEU B 70 20.38 15.80 -9.64
C LEU B 70 21.89 16.01 -9.88
N GLU B 71 22.26 17.21 -10.31
CA GLU B 71 23.66 17.56 -10.58
C GLU B 71 24.34 18.05 -9.30
N LYS B 72 25.30 17.27 -8.80
CA LYS B 72 25.91 17.55 -7.51
C LYS B 72 26.52 18.95 -7.42
N ARG B 73 27.36 19.30 -8.41
CA ARG B 73 28.00 20.60 -8.42
C ARG B 73 26.96 21.72 -8.30
N HIS B 74 25.93 21.66 -9.13
CA HIS B 74 24.92 22.71 -9.14
C HIS B 74 24.24 22.87 -7.79
N ILE B 75 23.91 21.74 -7.17
CA ILE B 75 23.31 21.74 -5.87
C ILE B 75 24.20 22.23 -4.74
N ILE B 76 25.44 21.78 -4.69
CA ILE B 76 26.35 22.25 -3.66
C ILE B 76 26.64 23.71 -3.88
N LYS B 77 26.85 24.06 -5.13
CA LYS B 77 27.15 25.39 -5.56
C LYS B 77 26.00 26.30 -5.15
N GLU B 78 24.76 25.86 -5.17
CA GLU B 78 23.67 26.71 -4.69
C GLU B 78 23.24 26.42 -3.26
N ASN B 79 24.00 25.64 -2.54
CA ASN B 79 23.63 25.33 -1.15
C ASN B 79 22.19 24.88 -1.00
N LYS B 80 21.73 24.00 -1.87
CA LYS B 80 20.37 23.50 -1.78
C LYS B 80 20.33 22.09 -1.23
N VAL B 81 21.46 21.62 -0.73
CA VAL B 81 21.54 20.26 -0.33
C VAL B 81 20.45 19.86 0.69
N PRO B 82 20.19 20.67 1.69
CA PRO B 82 19.12 20.33 2.64
C PRO B 82 17.85 19.88 1.92
N TYR B 83 17.59 20.49 0.76
CA TYR B 83 16.44 20.11 -0.04
C TYR B 83 16.61 18.65 -0.51
N VAL B 84 17.85 18.27 -0.75
CA VAL B 84 18.16 16.95 -1.29
C VAL B 84 18.00 15.82 -0.27
N THR B 85 18.50 16.03 0.94
CA THR B 85 18.36 15.03 1.99
C THR B 85 16.92 15.00 2.54
N ARG B 86 16.29 16.17 2.72
CA ARG B 86 14.89 16.20 3.12
C ARG B 86 14.07 15.42 2.10
N GLU B 87 14.35 15.67 0.83
CA GLU B 87 13.62 14.98 -0.22
C GLU B 87 13.80 13.48 -0.06
N ARG B 88 15.05 13.06 0.09
CA ARG B 88 15.33 11.63 0.22
C ARG B 88 14.70 11.06 1.50
N ASP B 89 14.89 11.77 2.62
CA ASP B 89 14.32 11.34 3.90
C ASP B 89 12.80 11.24 3.90
N VAL B 90 12.12 12.32 3.49
CA VAL B 90 10.65 12.33 3.51
C VAL B 90 10.01 11.28 2.60
N MET B 91 10.47 11.19 1.35
CA MET B 91 9.91 10.22 0.42
C MET B 91 10.13 8.78 0.90
N SER B 92 11.18 8.58 1.68
CA SER B 92 11.43 7.28 2.33
C SER B 92 10.32 6.93 3.32
N ARG B 93 9.79 7.95 3.98
CA ARG B 93 8.76 7.76 5.01
C ARG B 93 7.41 7.42 4.40
N LEU B 94 7.24 7.73 3.12
CA LEU B 94 5.92 7.65 2.49
C LEU B 94 5.54 6.24 2.04
N ASP B 95 4.48 5.71 2.65
CA ASP B 95 3.92 4.44 2.22
C ASP B 95 2.39 4.49 2.26
N HIS B 96 1.81 5.25 1.34
CA HIS B 96 0.38 5.42 1.24
C HIS B 96 0.07 5.52 -0.24
N PRO B 97 -1.08 4.98 -0.68
CA PRO B 97 -1.34 4.88 -2.13
C PRO B 97 -1.38 6.23 -2.87
N PHE B 98 -1.62 7.35 -2.18
CA PHE B 98 -1.74 8.64 -2.88
C PHE B 98 -0.42 9.43 -2.89
N PHE B 99 0.70 8.74 -2.75
CA PHE B 99 1.99 9.41 -2.76
C PHE B 99 2.98 8.72 -3.66
N VAL B 100 3.83 9.51 -4.32
CA VAL B 100 4.96 8.92 -5.03
C VAL B 100 5.86 8.27 -3.98
N LYS B 101 6.46 7.14 -4.34
CA LYS B 101 7.35 6.45 -3.41
C LYS B 101 8.77 6.52 -3.92
N LEU B 102 9.73 6.49 -3.00
CA LEU B 102 11.12 6.38 -3.37
C LEU B 102 11.56 4.92 -3.19
N TYR B 103 12.09 4.33 -4.24
CA TYR B 103 12.42 2.90 -4.21
C TYR B 103 13.92 2.64 -4.05
N PHE B 104 14.74 3.53 -4.58
CA PHE B 104 16.20 3.36 -4.52
C PHE B 104 16.91 4.69 -4.72
N CYS B 105 18.19 4.72 -4.36
CA CYS B 105 19.03 5.87 -4.53
C CYS B 105 20.38 5.34 -4.91
N PHE B 106 21.03 5.95 -5.88
CA PHE B 106 22.43 5.64 -6.14
C PHE B 106 23.08 6.89 -6.70
N GLN B 107 24.41 6.89 -6.81
CA GLN B 107 25.12 8.10 -7.19
C GLN B 107 26.38 7.81 -7.97
N ASP B 108 26.85 8.80 -8.71
CA ASP B 108 28.18 8.75 -9.32
C ASP B 108 28.94 10.05 -9.05
N ASP B 109 30.05 10.25 -9.76
CA ASP B 109 30.90 11.40 -9.51
C ASP B 109 30.17 12.73 -9.70
N GLU B 110 29.19 12.75 -10.61
CA GLU B 110 28.55 14.00 -10.98
C GLU B 110 27.08 14.10 -10.54
N LYS B 111 26.41 12.96 -10.40
CA LYS B 111 24.96 12.96 -10.20
C LYS B 111 24.45 12.13 -9.02
N LEU B 112 23.26 12.49 -8.56
CA LEU B 112 22.48 11.72 -7.60
C LEU B 112 21.23 11.22 -8.32
N TYR B 113 20.88 9.96 -8.12
CA TYR B 113 19.71 9.37 -8.79
C TYR B 113 18.69 8.87 -7.77
N PHE B 114 17.49 9.43 -7.78
CA PHE B 114 16.38 8.94 -6.96
C PHE B 114 15.42 8.13 -7.83
N GLY B 115 15.23 6.85 -7.50
CA GLY B 115 14.24 6.03 -8.20
C GLY B 115 12.84 6.20 -7.63
N LEU B 116 11.92 6.74 -8.45
CA LEU B 116 10.58 7.10 -7.97
C LEU B 116 9.47 6.38 -8.74
N SER B 117 8.31 6.22 -8.08
CA SER B 117 7.11 5.77 -8.77
C SER B 117 6.91 6.61 -10.02
N TYR B 118 6.51 5.97 -11.10
CA TYR B 118 6.21 6.70 -12.34
C TYR B 118 4.71 6.91 -12.39
N ALA B 119 4.28 8.16 -12.52
CA ALA B 119 2.85 8.44 -12.66
C ALA B 119 2.55 8.71 -14.13
N LYS B 120 2.09 7.68 -14.82
CA LYS B 120 1.97 7.69 -16.28
C LYS B 120 1.13 8.83 -16.84
N ASN B 121 0.13 9.27 -16.11
CA ASN B 121 -0.78 10.26 -16.66
C ASN B 121 -0.43 11.70 -16.33
N GLY B 122 0.75 11.90 -15.73
CA GLY B 122 1.29 13.23 -15.58
C GLY B 122 0.59 14.05 -14.53
N GLU B 123 0.60 15.37 -14.73
CA GLU B 123 0.18 16.31 -13.69
C GLU B 123 -1.30 16.68 -13.75
N LEU B 124 -1.88 16.92 -12.58
CA LEU B 124 -3.25 17.38 -12.46
C LEU B 124 -3.40 18.69 -13.25
N LEU B 125 -2.35 19.51 -13.19
CA LEU B 125 -2.30 20.74 -13.96
C LEU B 125 -2.70 20.50 -15.41
N LYS B 126 -2.09 19.48 -16.01
CA LYS B 126 -2.35 19.14 -17.41
C LYS B 126 -3.84 18.98 -17.69
N TYR B 127 -4.54 18.37 -16.75
CA TYR B 127 -5.96 18.12 -16.93
C TYR B 127 -6.84 19.35 -16.72
N ILE B 128 -6.45 20.21 -15.81
CA ILE B 128 -7.13 21.49 -15.65
C ILE B 128 -6.99 22.28 -16.95
N ARG B 129 -5.77 22.36 -17.47
CA ARG B 129 -5.49 23.05 -18.71
C ARG B 129 -6.29 22.43 -19.86
N LYS B 130 -6.16 21.11 -20.00
CA LYS B 130 -6.82 20.40 -21.08
C LYS B 130 -8.33 20.55 -21.09
N ILE B 131 -8.98 20.35 -19.94
CA ILE B 131 -10.45 20.36 -19.92
C ILE B 131 -11.09 21.64 -19.37
N GLY B 132 -10.26 22.59 -18.94
CA GLY B 132 -10.77 23.88 -18.49
C GLY B 132 -11.15 23.95 -17.02
N SER B 133 -12.14 23.14 -16.64
CA SER B 133 -12.57 23.03 -15.24
C SER B 133 -13.29 21.70 -15.04
N PHE B 134 -13.33 21.22 -13.81
CA PHE B 134 -13.93 19.91 -13.53
C PHE B 134 -15.40 20.06 -13.20
N ASP B 135 -16.20 19.05 -13.52
CA ASP B 135 -17.58 19.04 -13.08
C ASP B 135 -17.62 18.75 -11.58
N GLU B 136 -18.81 18.70 -10.99
CA GLU B 136 -18.92 18.52 -9.55
C GLU B 136 -18.46 17.13 -9.13
N THR B 137 -18.83 16.13 -9.91
CA THR B 137 -18.44 14.75 -9.62
C THR B 137 -16.93 14.59 -9.56
N CYS B 138 -16.24 15.09 -10.59
CA CYS B 138 -14.79 14.99 -10.68
C CYS B 138 -14.08 15.81 -9.59
N THR B 139 -14.54 17.04 -9.39
CA THR B 139 -13.99 17.91 -8.35
C THR B 139 -14.09 17.23 -7.00
N ARG B 140 -15.27 16.68 -6.70
CA ARG B 140 -15.52 16.03 -5.43
C ARG B 140 -14.59 14.85 -5.21
N PHE B 141 -14.47 14.00 -6.22
CA PHE B 141 -13.63 12.82 -6.13
C PHE B 141 -12.16 13.15 -5.90
N TYR B 142 -11.58 13.97 -6.77
CA TYR B 142 -10.18 14.34 -6.60
C TYR B 142 -9.91 15.17 -5.34
N THR B 143 -10.81 16.05 -4.96
CA THR B 143 -10.62 16.77 -3.71
C THR B 143 -10.54 15.75 -2.56
N ALA B 144 -11.43 14.76 -2.60
CA ALA B 144 -11.46 13.74 -1.54
C ALA B 144 -10.15 12.97 -1.43
N GLU B 145 -9.58 12.61 -2.59
CA GLU B 145 -8.29 11.92 -2.55
C GLU B 145 -7.22 12.85 -1.98
N ILE B 146 -7.26 14.12 -2.35
CA ILE B 146 -6.29 15.07 -1.82
C ILE B 146 -6.42 15.21 -0.31
N VAL B 147 -7.67 15.32 0.17
CA VAL B 147 -7.94 15.38 1.61
C VAL B 147 -7.41 14.14 2.31
N SER B 148 -7.71 12.98 1.75
CA SER B 148 -7.23 11.72 2.30
C SER B 148 -5.70 11.68 2.37
N ALA B 149 -5.03 12.17 1.33
CA ALA B 149 -3.56 12.20 1.30
C ALA B 149 -2.99 13.14 2.37
N LEU B 150 -3.52 14.36 2.44
CA LEU B 150 -3.07 15.32 3.45
C LEU B 150 -3.29 14.79 4.87
N GLU B 151 -4.40 14.09 5.09
CA GLU B 151 -4.66 13.53 6.42
C GLU B 151 -3.52 12.59 6.77
N TYR B 152 -3.14 11.75 5.82
CA TYR B 152 -2.03 10.84 6.02
C TYR B 152 -0.74 11.61 6.31
N LEU B 153 -0.40 12.57 5.46
CA LEU B 153 0.85 13.34 5.60
C LEU B 153 0.93 14.04 6.95
N HIS B 154 -0.15 14.72 7.31
CA HIS B 154 -0.20 15.48 8.56
C HIS B 154 -0.12 14.61 9.80
N GLY B 155 -0.77 13.44 9.74
CA GLY B 155 -0.62 12.45 10.80
C GLY B 155 0.83 12.02 11.00
N LYS B 156 1.64 12.13 9.96
CA LYS B 156 3.05 11.75 10.03
C LYS B 156 3.94 12.92 10.48
N GLY B 157 3.34 14.07 10.71
CA GLY B 157 4.09 15.23 11.15
C GLY B 157 4.82 15.90 9.99
N ILE B 158 4.28 15.74 8.78
CA ILE B 158 4.90 16.29 7.58
C ILE B 158 4.01 17.35 6.94
N ILE B 159 4.59 18.53 6.66
CA ILE B 159 3.88 19.61 5.99
C ILE B 159 4.41 19.72 4.56
N HIS B 160 3.53 19.60 3.57
CA HIS B 160 4.03 19.60 2.19
C HIS B 160 4.68 20.94 1.83
N ARG B 161 3.96 22.02 2.13
CA ARG B 161 4.45 23.39 1.97
C ARG B 161 4.46 23.94 0.53
N ASP B 162 4.24 23.08 -0.46
CA ASP B 162 4.18 23.54 -1.85
C ASP B 162 3.19 22.74 -2.70
N LEU B 163 2.04 22.44 -2.11
CA LEU B 163 1.01 21.66 -2.78
C LEU B 163 0.36 22.46 -3.89
N LYS B 164 0.32 21.90 -5.09
CA LYS B 164 -0.26 22.55 -6.26
C LYS B 164 -0.53 21.51 -7.34
N PRO B 165 -1.36 21.83 -8.34
CA PRO B 165 -1.70 20.84 -9.37
C PRO B 165 -0.47 20.28 -10.09
N GLU B 166 0.60 21.07 -10.19
CA GLU B 166 1.84 20.63 -10.80
C GLU B 166 2.46 19.46 -10.01
N ASN B 167 2.13 19.38 -8.72
CA ASN B 167 2.70 18.44 -7.76
C ASN B 167 1.80 17.25 -7.45
N ILE B 168 0.60 17.27 -7.99
CA ILE B 168 -0.35 16.21 -7.79
C ILE B 168 -0.44 15.43 -9.09
N LEU B 169 0.20 14.27 -9.14
CA LEU B 169 0.26 13.48 -10.36
C LEU B 169 -0.89 12.51 -10.44
N LEU B 170 -1.09 11.94 -11.63
CA LEU B 170 -2.13 10.94 -11.87
C LEU B 170 -1.50 9.68 -12.43
N ASN B 171 -1.74 8.56 -11.80
CA ASN B 171 -1.20 7.34 -12.33
C ASN B 171 -2.07 6.74 -13.45
N GLU B 172 -1.71 5.55 -13.87
CA GLU B 172 -2.32 4.87 -14.97
C GLU B 172 -3.81 4.64 -14.73
N ASP B 173 -4.13 4.37 -13.46
CA ASP B 173 -5.48 4.09 -12.99
C ASP B 173 -6.26 5.39 -12.68
N MET B 174 -5.61 6.54 -12.90
CA MET B 174 -6.18 7.85 -12.64
C MET B 174 -6.45 8.20 -11.16
N HIS B 175 -5.78 7.50 -10.28
CA HIS B 175 -5.71 7.93 -8.88
C HIS B 175 -4.53 8.89 -8.73
N ILE B 176 -4.58 9.76 -7.71
CA ILE B 176 -3.52 10.76 -7.54
C ILE B 176 -2.27 10.16 -6.88
N GLN B 177 -1.13 10.78 -7.14
CA GLN B 177 0.11 10.47 -6.44
C GLN B 177 0.86 11.77 -6.27
N ILE B 178 0.87 12.28 -5.04
CA ILE B 178 1.49 13.56 -4.74
C ILE B 178 3.00 13.37 -4.65
N THR B 179 3.74 14.36 -5.12
CA THR B 179 5.19 14.29 -5.17
C THR B 179 5.78 15.66 -4.76
N ASP B 180 7.08 15.84 -4.98
CA ASP B 180 7.75 17.14 -4.79
C ASP B 180 7.93 17.49 -3.31
N PHE B 181 8.82 16.77 -2.64
CA PHE B 181 8.96 16.87 -1.18
C PHE B 181 10.25 17.49 -0.67
N GLY B 182 11.11 17.96 -1.56
CA GLY B 182 12.34 18.59 -1.11
C GLY B 182 12.09 19.87 -0.32
N THR B 183 10.95 20.50 -0.55
CA THR B 183 10.60 21.75 0.12
C THR B 183 9.64 21.53 1.31
N ALA B 184 9.38 20.26 1.65
CA ALA B 184 8.51 19.93 2.77
C ALA B 184 9.14 20.28 4.13
N LYS B 185 8.31 20.43 5.14
CA LYS B 185 8.81 20.67 6.51
C LYS B 185 8.44 19.50 7.42
N VAL B 186 9.43 18.96 8.13
CA VAL B 186 9.18 17.87 9.07
C VAL B 186 9.19 18.41 10.49
N LEU B 187 8.18 18.07 11.27
CA LEU B 187 8.16 18.49 12.67
C LEU B 187 9.03 17.58 13.52
N SER B 188 10.05 18.16 14.16
CA SER B 188 11.01 17.41 14.97
C SER B 188 10.93 17.83 16.44
N ASN B 197 12.43 30.23 8.57
CA ASN B 197 13.04 29.96 7.27
C ASN B 197 12.62 30.95 6.17
N PHE B 199 11.80 29.99 2.95
CA PHE B 199 11.06 29.38 1.85
C PHE B 199 9.68 29.98 1.69
N VAL B 200 9.33 30.26 0.44
CA VAL B 200 8.00 30.71 0.07
C VAL B 200 7.59 29.84 -1.12
N GLY B 201 6.56 29.02 -0.94
CA GLY B 201 6.08 28.16 -2.01
C GLY B 201 5.56 28.95 -3.20
N THR B 202 4.89 28.27 -4.10
CA THR B 202 4.36 28.88 -5.31
C THR B 202 3.33 29.94 -4.94
N ALA B 203 3.46 31.13 -5.52
CA ALA B 203 2.69 32.29 -5.05
C ALA B 203 1.18 32.09 -5.04
N GLN B 204 0.66 31.43 -6.07
CA GLN B 204 -0.78 31.16 -6.17
C GLN B 204 -1.34 30.45 -4.94
N TYR B 205 -0.53 29.58 -4.31
CA TYR B 205 -1.04 28.67 -3.28
C TYR B 205 -0.42 28.88 -1.90
N VAL B 206 0.48 29.85 -1.78
CA VAL B 206 1.16 30.10 -0.50
C VAL B 206 0.19 30.68 0.52
N SER B 207 0.37 30.30 1.79
CA SER B 207 -0.52 30.72 2.86
C SER B 207 -0.10 32.06 3.43
N PRO B 208 -1.04 32.77 4.06
CA PRO B 208 -0.67 34.07 4.64
C PRO B 208 0.34 33.95 5.78
N GLU B 209 0.26 32.89 6.58
CA GLU B 209 1.19 32.73 7.70
C GLU B 209 2.64 32.49 7.25
N LEU B 210 2.84 31.80 6.13
CA LEU B 210 4.17 31.62 5.60
C LEU B 210 4.74 32.97 5.15
N LEU B 211 3.92 33.76 4.47
CA LEU B 211 4.34 35.10 4.03
C LEU B 211 4.68 36.02 5.20
N THR B 212 3.76 36.14 6.16
CA THR B 212 3.89 37.16 7.19
C THR B 212 4.66 36.69 8.42
N GLU B 213 4.68 35.38 8.67
CA GLU B 213 5.28 34.84 9.87
C GLU B 213 6.53 34.01 9.56
N LYS B 214 6.78 33.75 8.28
CA LYS B 214 7.92 32.94 7.88
C LYS B 214 7.85 31.50 8.38
N SER B 215 6.65 31.01 8.66
CA SER B 215 6.56 29.61 9.03
C SER B 215 5.19 29.03 8.68
N ALA B 216 5.24 27.86 8.03
CA ALA B 216 4.03 27.14 7.69
C ALA B 216 3.70 26.20 8.83
N CYS B 217 2.47 25.71 8.82
CA CYS B 217 2.03 24.62 9.69
C CYS B 217 1.21 23.70 8.81
N LYS B 218 0.77 22.57 9.36
CA LYS B 218 -0.04 21.63 8.60
C LYS B 218 -1.16 22.36 7.88
N SER B 219 -1.79 23.28 8.61
CA SER B 219 -2.91 24.07 8.11
C SER B 219 -2.60 24.86 6.84
N SER B 220 -1.33 25.18 6.62
CA SER B 220 -0.94 25.89 5.39
C SER B 220 -1.29 25.05 4.16
N ASP B 221 -1.23 23.73 4.31
CA ASP B 221 -1.57 22.83 3.21
C ASP B 221 -3.07 22.83 2.95
N LEU B 222 -3.84 23.12 4.00
CA LEU B 222 -5.30 23.18 3.88
C LEU B 222 -5.69 24.47 3.16
N TRP B 223 -4.92 25.53 3.38
CA TRP B 223 -5.09 26.75 2.60
C TRP B 223 -4.86 26.44 1.12
N ALA B 224 -3.78 25.72 0.84
CA ALA B 224 -3.48 25.36 -0.55
C ALA B 224 -4.60 24.50 -1.15
N LEU B 225 -5.18 23.61 -0.33
CA LEU B 225 -6.33 22.80 -0.74
C LEU B 225 -7.50 23.69 -1.19
N GLY B 226 -7.82 24.70 -0.39
CA GLY B 226 -8.86 25.64 -0.77
C GLY B 226 -8.60 26.25 -2.14
N CYS B 227 -7.36 26.65 -2.38
CA CYS B 227 -6.96 27.26 -3.64
C CYS B 227 -7.13 26.30 -4.79
N ILE B 228 -6.75 25.04 -4.55
CA ILE B 228 -6.86 23.98 -5.55
C ILE B 228 -8.31 23.62 -5.87
N ILE B 229 -9.14 23.51 -4.84
CA ILE B 229 -10.57 23.29 -5.05
C ILE B 229 -11.17 24.41 -5.89
N TYR B 230 -10.88 25.65 -5.53
CA TYR B 230 -11.30 26.79 -6.31
C TYR B 230 -10.83 26.67 -7.76
N GLN B 231 -9.57 26.31 -7.95
CA GLN B 231 -9.02 26.17 -9.28
C GLN B 231 -9.74 25.08 -10.10
N LEU B 232 -10.05 23.95 -9.45
CA LEU B 232 -10.75 22.88 -10.16
C LEU B 232 -12.12 23.33 -10.65
N VAL B 233 -12.81 24.07 -9.81
CA VAL B 233 -14.18 24.48 -10.11
C VAL B 233 -14.23 25.67 -11.07
N ALA B 234 -13.33 26.62 -10.87
CA ALA B 234 -13.35 27.87 -11.63
C ALA B 234 -12.47 27.82 -12.88
N GLY B 235 -11.49 26.93 -12.89
CA GLY B 235 -10.57 26.85 -14.01
C GLY B 235 -9.36 27.76 -13.83
N LEU B 236 -9.37 28.54 -12.74
CA LEU B 236 -8.27 29.41 -12.37
C LEU B 236 -8.17 29.49 -10.86
N PRO B 237 -6.96 29.74 -10.34
CA PRO B 237 -6.80 29.90 -8.89
C PRO B 237 -7.37 31.24 -8.41
N PRO B 238 -7.71 31.33 -7.11
CA PRO B 238 -8.46 32.48 -6.59
C PRO B 238 -7.68 33.81 -6.51
N PHE B 239 -6.42 33.75 -6.10
CA PHE B 239 -5.62 34.96 -5.95
C PHE B 239 -4.79 35.12 -7.21
N ARG B 240 -5.21 36.05 -8.04
CA ARG B 240 -4.61 36.27 -9.34
C ARG B 240 -4.22 37.72 -9.43
N ALA B 241 -3.05 38.00 -9.99
CA ALA B 241 -2.63 39.38 -10.18
C ALA B 241 -1.43 39.41 -11.10
N GLY B 242 -1.01 40.62 -11.45
CA GLY B 242 -0.01 40.82 -12.50
C GLY B 242 1.40 40.41 -12.14
N ASN B 243 1.72 40.40 -10.86
CA ASN B 243 2.99 39.92 -10.37
C ASN B 243 2.92 39.28 -8.98
N GLU B 244 4.00 38.66 -8.58
CA GLU B 244 4.06 38.00 -7.33
C GLU B 244 3.76 38.95 -6.13
N TYR B 245 4.25 40.18 -6.17
CA TYR B 245 3.97 41.12 -5.10
C TYR B 245 2.47 41.37 -4.99
N LEU B 246 1.83 41.54 -6.14
CA LEU B 246 0.42 41.86 -6.19
C LEU B 246 -0.45 40.68 -5.74
N ILE B 247 -0.02 39.46 -6.05
CA ILE B 247 -0.70 38.26 -5.59
C ILE B 247 -0.62 38.12 -4.07
N PHE B 248 0.57 38.34 -3.52
CA PHE B 248 0.78 38.33 -2.08
C PHE B 248 -0.17 39.31 -1.39
N GLN B 249 -0.30 40.50 -1.95
CA GLN B 249 -1.19 41.52 -1.38
C GLN B 249 -2.63 41.00 -1.26
N LYS B 250 -3.13 40.39 -2.32
CA LYS B 250 -4.47 39.80 -2.31
C LYS B 250 -4.60 38.69 -1.28
N ILE B 251 -3.61 37.81 -1.23
CA ILE B 251 -3.57 36.75 -0.21
C ILE B 251 -3.74 37.30 1.21
N ILE B 252 -2.90 38.26 1.58
CA ILE B 252 -2.93 38.75 2.96
C ILE B 252 -4.20 39.54 3.29
N LYS B 253 -4.86 40.08 2.26
CA LYS B 253 -6.13 40.79 2.43
C LYS B 253 -7.34 39.89 2.19
N LEU B 254 -7.10 38.61 1.92
CA LEU B 254 -8.17 37.69 1.52
C LEU B 254 -9.05 38.31 0.43
N GLU B 255 -8.42 38.86 -0.60
CA GLU B 255 -9.14 39.52 -1.69
C GLU B 255 -9.28 38.56 -2.87
N TYR B 256 -10.47 38.01 -3.04
CA TYR B 256 -10.80 37.15 -4.17
C TYR B 256 -12.31 37.07 -4.33
N ASP B 257 -12.75 36.62 -5.50
CA ASP B 257 -14.18 36.53 -5.80
C ASP B 257 -14.50 35.14 -6.32
N PHE B 258 -15.79 34.78 -6.27
CA PHE B 258 -16.27 33.52 -6.82
C PHE B 258 -16.96 33.82 -8.15
N PRO B 259 -16.66 33.02 -9.19
CA PRO B 259 -17.39 33.20 -10.45
C PRO B 259 -18.79 32.61 -10.34
N GLU B 260 -19.64 32.93 -11.31
CA GLU B 260 -21.05 32.55 -11.28
C GLU B 260 -21.28 31.05 -11.41
N LYS B 261 -20.35 30.31 -12.00
CA LYS B 261 -20.57 28.87 -12.19
C LYS B 261 -20.17 28.01 -10.98
N PHE B 262 -19.86 28.64 -9.86
CA PHE B 262 -19.28 27.94 -8.73
C PHE B 262 -20.32 27.14 -7.91
N PHE B 263 -20.11 25.82 -7.80
CA PHE B 263 -21.01 24.94 -7.04
C PHE B 263 -21.20 25.46 -5.61
N PRO B 264 -22.46 25.62 -5.19
CA PRO B 264 -22.73 26.20 -3.86
C PRO B 264 -22.00 25.52 -2.70
N LYS B 265 -21.93 24.19 -2.69
CA LYS B 265 -21.25 23.52 -1.57
C LYS B 265 -19.74 23.72 -1.64
N ALA B 266 -19.18 23.78 -2.83
CA ALA B 266 -17.76 24.04 -2.99
C ALA B 266 -17.45 25.47 -2.57
N ARG B 267 -18.37 26.37 -2.85
CA ARG B 267 -18.21 27.75 -2.41
C ARG B 267 -18.06 27.80 -0.90
N ASP B 268 -18.99 27.17 -0.20
CA ASP B 268 -18.93 27.16 1.25
C ASP B 268 -17.63 26.52 1.74
N LEU B 269 -17.26 25.39 1.14
CA LEU B 269 -16.05 24.68 1.54
C LEU B 269 -14.78 25.54 1.40
N VAL B 270 -14.60 26.13 0.22
CA VAL B 270 -13.49 27.08 0.00
C VAL B 270 -13.45 28.21 1.04
N GLU B 271 -14.60 28.80 1.33
CA GLU B 271 -14.67 29.85 2.35
C GLU B 271 -14.26 29.38 3.73
N LYS B 272 -14.39 28.08 3.99
CA LYS B 272 -13.97 27.53 5.28
C LYS B 272 -12.52 27.08 5.31
N LEU B 273 -11.89 27.04 4.13
CA LEU B 273 -10.47 26.71 4.00
C LEU B 273 -9.60 27.98 3.83
N LEU B 274 -10.09 28.94 3.05
CA LEU B 274 -9.36 30.20 2.87
C LEU B 274 -9.70 31.20 3.98
N VAL B 275 -9.11 30.98 5.14
CA VAL B 275 -9.37 31.77 6.34
C VAL B 275 -8.00 32.21 6.81
N LEU B 276 -7.84 33.50 7.07
CA LEU B 276 -6.50 34.03 7.38
C LEU B 276 -5.86 33.35 8.59
N ASP B 277 -6.64 33.18 9.65
CA ASP B 277 -6.16 32.55 10.87
C ASP B 277 -6.00 31.04 10.65
N ALA B 278 -4.75 30.56 10.65
CA ALA B 278 -4.47 29.16 10.36
C ALA B 278 -5.06 28.16 11.37
N THR B 279 -5.49 28.63 12.54
CA THR B 279 -6.09 27.73 13.54
C THR B 279 -7.60 27.64 13.40
N LYS B 280 -8.15 28.27 12.37
CA LYS B 280 -9.58 28.28 12.18
C LYS B 280 -10.01 27.70 10.83
N ARG B 281 -9.12 26.98 10.16
CA ARG B 281 -9.50 26.31 8.92
C ARG B 281 -10.13 24.95 9.18
N LEU B 282 -11.20 24.67 8.43
CA LEU B 282 -11.87 23.38 8.49
C LEU B 282 -10.85 22.28 8.21
N GLY B 283 -10.76 21.32 9.12
CA GLY B 283 -9.80 20.24 8.97
C GLY B 283 -8.54 20.40 9.80
N CYS B 284 -8.25 21.61 10.28
CA CYS B 284 -7.02 21.80 11.06
C CYS B 284 -7.18 21.22 12.46
N GLU B 285 -6.05 21.02 13.15
CA GLU B 285 -6.04 20.40 14.47
C GLU B 285 -6.86 21.19 15.50
N GLU B 286 -6.74 22.51 15.46
CA GLU B 286 -7.46 23.36 16.43
C GLU B 286 -8.97 23.38 16.18
N MET B 287 -9.38 22.94 14.99
CA MET B 287 -10.80 22.83 14.65
C MET B 287 -11.25 21.37 14.76
N GLU B 288 -10.46 20.57 15.49
CA GLU B 288 -10.75 19.16 15.75
C GLU B 288 -10.52 18.20 14.57
N GLY B 289 -9.67 18.62 13.64
CA GLY B 289 -9.11 17.68 12.69
C GLY B 289 -9.92 17.36 11.46
N TYR B 290 -9.62 16.21 10.87
CA TYR B 290 -10.16 15.79 9.58
C TYR B 290 -11.62 15.32 9.58
N GLY B 291 -12.12 14.82 10.72
CA GLY B 291 -13.51 14.40 10.83
C GLY B 291 -14.53 15.38 10.27
N PRO B 292 -14.59 16.59 10.84
CA PRO B 292 -15.55 17.61 10.40
C PRO B 292 -15.30 18.05 8.95
N LEU B 293 -14.06 17.96 8.48
CA LEU B 293 -13.77 18.30 7.08
C LEU B 293 -14.37 17.23 6.15
N LYS B 294 -14.11 15.97 6.45
CA LYS B 294 -14.69 14.87 5.69
C LYS B 294 -16.22 14.85 5.76
N ALA B 295 -16.80 15.44 6.82
CA ALA B 295 -18.26 15.48 6.97
C ALA B 295 -18.96 16.59 6.16
N HIS B 296 -18.18 17.50 5.58
CA HIS B 296 -18.77 18.58 4.79
C HIS B 296 -19.62 18.00 3.67
N PRO B 297 -20.81 18.59 3.42
CA PRO B 297 -21.73 18.05 2.41
C PRO B 297 -21.19 18.09 0.98
N PHE B 298 -20.15 18.88 0.72
CA PHE B 298 -19.49 18.80 -0.57
C PHE B 298 -19.04 17.35 -0.85
N PHE B 299 -18.81 16.60 0.22
CA PHE B 299 -18.38 15.21 0.08
C PHE B 299 -19.52 14.23 0.27
N GLU B 300 -20.75 14.71 0.12
CA GLU B 300 -21.95 13.91 0.42
C GLU B 300 -21.94 12.46 -0.07
N SER B 301 -21.72 12.25 -1.36
CA SER B 301 -21.78 10.88 -1.90
C SER B 301 -20.44 10.16 -1.85
N VAL B 302 -19.48 10.71 -1.12
CA VAL B 302 -18.14 10.11 -1.11
C VAL B 302 -18.05 8.94 -0.15
N THR B 303 -17.49 7.84 -0.65
CA THR B 303 -17.17 6.73 0.22
C THR B 303 -15.70 6.84 0.56
N TRP B 304 -15.41 7.23 1.79
CA TRP B 304 -14.03 7.49 2.19
C TRP B 304 -13.22 6.21 2.34
N GLU B 305 -13.86 5.13 2.78
CA GLU B 305 -13.14 3.96 3.30
C GLU B 305 -12.01 3.44 2.41
N ASN B 306 -12.31 3.05 1.18
CA ASN B 306 -11.27 2.47 0.34
C ASN B 306 -11.12 3.24 -0.97
N LEU B 307 -11.03 4.56 -0.82
CA LEU B 307 -11.05 5.49 -1.93
C LEU B 307 -10.08 5.08 -3.03
N HIS B 308 -8.91 4.61 -2.64
CA HIS B 308 -7.88 4.32 -3.62
C HIS B 308 -8.24 3.14 -4.51
N GLN B 309 -9.24 2.37 -4.12
CA GLN B 309 -9.65 1.20 -4.87
C GLN B 309 -10.88 1.47 -5.75
N GLN B 310 -11.47 2.66 -5.61
CA GLN B 310 -12.66 3.01 -6.39
C GLN B 310 -12.29 3.47 -7.78
N THR B 311 -13.21 3.28 -8.73
CA THR B 311 -13.00 3.73 -10.10
C THR B 311 -13.21 5.23 -10.18
N PRO B 312 -12.17 5.99 -10.56
CA PRO B 312 -12.33 7.45 -10.69
C PRO B 312 -13.31 7.84 -11.80
N PRO B 313 -14.09 8.90 -11.57
CA PRO B 313 -14.99 9.35 -12.62
C PRO B 313 -14.18 9.89 -13.77
N LYS B 314 -14.60 9.62 -15.01
CA LYS B 314 -13.88 10.10 -16.17
C LYS B 314 -13.89 11.63 -16.17
N LEU B 315 -12.75 12.22 -16.47
CA LEU B 315 -12.60 13.67 -16.48
C LEU B 315 -13.34 14.31 -17.65
N THR B 316 -14.39 15.06 -17.33
CA THR B 316 -15.17 15.77 -18.33
C THR B 316 -15.41 17.21 -17.90
N PRO C 31 -37.79 32.41 64.83
CA PRO C 31 -38.83 33.04 64.02
C PRO C 31 -39.89 32.03 63.55
N ARG C 32 -41.14 32.49 63.51
CA ARG C 32 -42.25 31.68 63.04
C ARG C 32 -42.02 31.28 61.59
N LYS C 33 -42.59 30.15 61.19
CA LYS C 33 -42.60 29.79 59.78
C LYS C 33 -43.45 30.81 59.01
N LYS C 34 -43.13 31.03 57.75
CA LYS C 34 -43.93 31.93 56.95
C LYS C 34 -45.33 31.34 56.75
N ARG C 35 -46.28 32.20 56.38
CA ARG C 35 -47.65 31.75 56.11
C ARG C 35 -48.10 32.32 54.77
N PRO C 36 -49.14 31.73 54.17
CA PRO C 36 -49.61 32.24 52.88
C PRO C 36 -49.94 33.72 52.96
N GLU C 37 -50.48 34.14 54.09
CA GLU C 37 -50.90 35.53 54.27
C GLU C 37 -49.73 36.51 54.16
N ASP C 38 -48.51 35.99 54.28
CA ASP C 38 -47.32 36.83 54.21
C ASP C 38 -46.99 37.26 52.79
N PHE C 39 -47.71 36.71 51.83
CA PHE C 39 -47.41 36.92 50.41
C PHE C 39 -48.63 37.39 49.64
N LYS C 40 -48.36 38.18 48.60
CA LYS C 40 -49.34 38.44 47.56
C LYS C 40 -49.03 37.50 46.42
N PHE C 41 -49.91 36.54 46.19
CA PHE C 41 -49.70 35.56 45.13
C PHE C 41 -50.11 36.15 43.79
N GLY C 42 -49.19 36.10 42.84
CA GLY C 42 -49.39 36.73 41.56
C GLY C 42 -49.62 35.73 40.44
N LYS C 43 -49.02 35.99 39.30
CA LYS C 43 -49.27 35.16 38.13
C LYS C 43 -48.77 33.74 38.35
N ILE C 44 -49.51 32.77 37.81
CA ILE C 44 -49.05 31.40 37.78
C ILE C 44 -47.98 31.30 36.69
N LEU C 45 -46.81 30.81 37.08
CA LEU C 45 -45.71 30.69 36.13
C LEU C 45 -45.90 29.44 35.29
N GLY C 46 -46.29 28.35 35.93
CA GLY C 46 -46.53 27.11 35.23
C GLY C 46 -47.11 26.07 36.16
N GLU C 47 -47.71 25.04 35.57
CA GLU C 47 -48.32 23.98 36.35
C GLU C 47 -47.78 22.64 35.89
N GLY C 48 -47.42 21.80 36.85
CA GLY C 48 -47.00 20.44 36.58
C GLY C 48 -48.05 19.47 37.07
N SER C 49 -47.74 18.17 37.00
CA SER C 49 -48.71 17.16 37.36
C SER C 49 -49.08 17.21 38.85
N PHE C 50 -48.14 17.62 39.70
CA PHE C 50 -48.37 17.61 41.15
C PHE C 50 -48.24 18.97 41.83
N SER C 51 -48.05 20.03 41.06
CA SER C 51 -47.80 21.33 41.66
C SER C 51 -48.08 22.49 40.74
N THR C 52 -48.17 23.67 41.35
CA THR C 52 -48.26 24.92 40.63
C THR C 52 -47.14 25.82 41.12
N VAL C 53 -46.38 26.40 40.19
CA VAL C 53 -45.36 27.37 40.55
C VAL C 53 -45.90 28.76 40.30
N VAL C 54 -45.88 29.60 41.32
CA VAL C 54 -46.56 30.89 41.29
C VAL C 54 -45.60 32.01 41.69
N LEU C 55 -45.59 33.07 40.90
CA LEU C 55 -44.80 34.25 41.24
C LEU C 55 -45.46 34.91 42.42
N ALA C 56 -44.69 35.18 43.47
CA ALA C 56 -45.24 35.76 44.69
C ALA C 56 -44.31 36.80 45.28
N ARG C 57 -44.90 37.80 45.94
CA ARG C 57 -44.14 38.85 46.55
C ARG C 57 -44.31 38.76 48.05
N GLU C 58 -43.22 38.58 48.78
CA GLU C 58 -43.28 38.66 50.23
C GLU C 58 -43.51 40.11 50.62
N LEU C 59 -44.66 40.39 51.22
CA LEU C 59 -45.12 41.76 51.38
C LEU C 59 -44.23 42.60 52.31
N ALA C 60 -43.86 42.07 53.46
CA ALA C 60 -43.01 42.80 54.40
C ALA C 60 -41.73 43.38 53.78
N THR C 61 -41.10 42.62 52.87
CA THR C 61 -39.81 43.05 52.29
C THR C 61 -39.86 43.32 50.79
N SER C 62 -41.04 43.13 50.19
CA SER C 62 -41.19 43.36 48.76
C SER C 62 -40.36 42.42 47.89
N ARG C 63 -39.93 41.31 48.48
CA ARG C 63 -39.07 40.36 47.76
C ARG C 63 -39.90 39.37 46.93
N GLU C 64 -39.48 39.14 45.69
CA GLU C 64 -40.17 38.20 44.79
C GLU C 64 -39.59 36.79 44.90
N TYR C 65 -40.49 35.80 44.92
CA TYR C 65 -40.09 34.39 44.97
C TYR C 65 -40.95 33.59 44.00
N ALA C 66 -40.40 32.50 43.50
CA ALA C 66 -41.19 31.50 42.82
C ALA C 66 -41.60 30.53 43.90
N ILE C 67 -42.89 30.47 44.20
CA ILE C 67 -43.34 29.52 45.20
C ILE C 67 -43.96 28.29 44.54
N LYS C 68 -43.36 27.14 44.79
CA LYS C 68 -43.90 25.89 44.29
C LYS C 68 -44.92 25.38 45.29
N ILE C 69 -46.16 25.28 44.83
CA ILE C 69 -47.29 24.87 45.68
C ILE C 69 -47.69 23.43 45.34
N LEU C 70 -47.59 22.57 46.34
CA LEU C 70 -47.88 21.14 46.16
C LEU C 70 -49.16 20.74 46.89
N GLU C 71 -50.01 20.00 46.20
CA GLU C 71 -51.26 19.51 46.80
C GLU C 71 -50.99 18.18 47.51
N LYS C 72 -51.13 18.17 48.82
CA LYS C 72 -50.77 17.00 49.63
C LYS C 72 -51.51 15.72 49.19
N ARG C 73 -52.83 15.81 49.10
CA ARG C 73 -53.65 14.65 48.71
C ARG C 73 -53.17 14.01 47.41
N HIS C 74 -52.93 14.84 46.39
CA HIS C 74 -52.56 14.32 45.07
C HIS C 74 -51.24 13.55 45.13
N ILE C 75 -50.28 14.10 45.87
CA ILE C 75 -48.97 13.46 46.02
C ILE C 75 -49.04 12.23 46.91
N ILE C 76 -49.79 12.36 48.01
CA ILE C 76 -50.01 11.21 48.90
C ILE C 76 -50.63 10.08 48.11
N LYS C 77 -51.79 10.34 47.51
CA LYS C 77 -52.52 9.33 46.75
C LYS C 77 -51.71 8.78 45.58
N GLU C 78 -50.65 9.48 45.18
CA GLU C 78 -49.86 9.04 44.04
C GLU C 78 -48.52 8.42 44.41
N ASN C 79 -48.30 8.18 45.71
CA ASN C 79 -47.02 7.64 46.18
C ASN C 79 -45.83 8.42 45.65
N LYS C 80 -45.89 9.74 45.80
CA LYS C 80 -44.87 10.60 45.21
C LYS C 80 -44.05 11.37 46.26
N VAL C 81 -44.41 11.20 47.53
CA VAL C 81 -43.73 11.90 48.62
C VAL C 81 -42.19 11.92 48.58
N PRO C 82 -41.55 10.77 48.29
CA PRO C 82 -40.09 10.79 48.21
C PRO C 82 -39.60 11.89 47.27
N TYR C 83 -40.28 12.03 46.14
CA TYR C 83 -40.01 13.10 45.18
C TYR C 83 -40.01 14.44 45.91
N VAL C 84 -40.81 14.55 46.96
CA VAL C 84 -41.03 15.83 47.65
C VAL C 84 -39.96 16.15 48.68
N THR C 85 -39.56 15.15 49.46
CA THR C 85 -38.50 15.33 50.45
C THR C 85 -37.14 15.47 49.77
N ARG C 86 -36.89 14.66 48.74
CA ARG C 86 -35.67 14.76 47.97
C ARG C 86 -35.55 16.15 47.39
N GLU C 87 -36.67 16.68 46.93
CA GLU C 87 -36.69 18.01 46.36
C GLU C 87 -36.28 19.01 47.42
N ARG C 88 -36.97 18.97 48.55
CA ARG C 88 -36.68 19.89 49.64
C ARG C 88 -35.23 19.73 50.12
N ASP C 89 -34.83 18.48 50.36
CA ASP C 89 -33.47 18.16 50.80
C ASP C 89 -32.38 18.64 49.84
N VAL C 90 -32.47 18.24 48.57
CA VAL C 90 -31.42 18.60 47.61
C VAL C 90 -31.29 20.09 47.42
N MET C 91 -32.41 20.77 47.22
CA MET C 91 -32.38 22.21 47.02
C MET C 91 -31.83 22.99 48.22
N SER C 92 -32.02 22.45 49.42
CA SER C 92 -31.46 23.08 50.61
C SER C 92 -29.93 22.95 50.63
N ARG C 93 -29.39 21.95 49.93
CA ARG C 93 -27.94 21.75 49.81
C ARG C 93 -27.30 22.67 48.79
N LEU C 94 -28.10 23.22 47.88
CA LEU C 94 -27.55 23.98 46.75
C LEU C 94 -27.22 25.41 47.13
N ASP C 95 -25.94 25.77 46.98
CA ASP C 95 -25.51 27.13 47.19
C ASP C 95 -24.44 27.53 46.17
N HIS C 96 -24.87 27.65 44.92
CA HIS C 96 -23.97 27.98 43.84
C HIS C 96 -24.75 28.87 42.89
N PRO C 97 -24.06 29.81 42.21
CA PRO C 97 -24.74 30.83 41.41
C PRO C 97 -25.66 30.26 40.32
N PHE C 98 -25.35 29.09 39.78
CA PHE C 98 -26.09 28.55 38.64
C PHE C 98 -27.19 27.58 39.05
N PHE C 99 -27.64 27.66 40.30
CA PHE C 99 -28.77 26.85 40.75
C PHE C 99 -29.86 27.66 41.43
N VAL C 100 -31.11 27.24 41.22
CA VAL C 100 -32.21 27.78 42.02
C VAL C 100 -31.97 27.40 43.48
N LYS C 101 -32.30 28.32 44.38
CA LYS C 101 -32.14 28.07 45.81
C LYS C 101 -33.49 27.94 46.48
N LEU C 102 -33.55 27.11 47.51
CA LEU C 102 -34.72 27.00 48.37
C LEU C 102 -34.49 27.86 49.60
N TYR C 103 -35.36 28.84 49.80
CA TYR C 103 -35.19 29.80 50.89
C TYR C 103 -36.05 29.48 52.11
N PHE C 104 -37.21 28.86 51.89
CA PHE C 104 -38.11 28.54 53.00
C PHE C 104 -39.12 27.48 52.59
N CYS C 105 -39.80 26.92 53.58
CA CYS C 105 -40.83 25.92 53.34
C CYS C 105 -41.88 26.16 54.39
N PHE C 106 -43.15 26.18 54.01
CA PHE C 106 -44.21 26.15 55.00
C PHE C 106 -45.37 25.30 54.49
N GLN C 107 -46.36 25.11 55.33
CA GLN C 107 -47.45 24.22 54.99
C GLN C 107 -48.73 24.54 55.70
N ASP C 108 -49.81 24.01 55.15
CA ASP C 108 -51.15 24.01 55.70
C ASP C 108 -51.71 22.65 55.42
N ASP C 109 -52.95 22.41 55.75
CA ASP C 109 -53.55 21.10 55.56
C ASP C 109 -53.68 20.70 54.11
N GLU C 110 -54.02 21.65 53.28
CA GLU C 110 -54.10 21.40 51.87
C GLU C 110 -52.80 21.23 51.15
N LYS C 111 -51.83 22.06 51.47
CA LYS C 111 -50.64 22.28 50.66
C LYS C 111 -49.30 22.40 51.39
N LEU C 112 -48.25 22.19 50.61
CA LEU C 112 -46.87 22.42 50.95
C LEU C 112 -46.33 23.52 50.05
N TYR C 113 -45.62 24.46 50.63
CA TYR C 113 -45.10 25.60 49.87
C TYR C 113 -43.57 25.66 49.93
N PHE C 114 -42.93 25.59 48.76
CA PHE C 114 -41.47 25.79 48.67
C PHE C 114 -41.17 27.19 48.13
N GLY C 115 -40.45 28.00 48.92
CA GLY C 115 -40.04 29.32 48.47
C GLY C 115 -38.73 29.25 47.68
N LEU C 116 -38.80 29.54 46.39
CA LEU C 116 -37.64 29.38 45.49
C LEU C 116 -37.16 30.68 44.85
N SER C 117 -35.90 30.70 44.46
CA SER C 117 -35.38 31.75 43.60
C SER C 117 -36.31 31.91 42.41
N TYR C 118 -36.62 33.16 42.08
CA TYR C 118 -37.41 33.46 40.90
C TYR C 118 -36.43 33.77 39.76
N ALA C 119 -36.56 33.07 38.64
CA ALA C 119 -35.74 33.36 37.47
C ALA C 119 -36.60 34.09 36.42
N LYS C 120 -36.47 35.41 36.41
CA LYS C 120 -37.37 36.29 35.68
C LYS C 120 -37.46 35.98 34.19
N ASN C 121 -36.37 35.49 33.60
CA ASN C 121 -36.38 35.30 32.15
C ASN C 121 -36.77 33.90 31.68
N GLY C 122 -37.25 33.08 32.60
CA GLY C 122 -37.89 31.83 32.25
C GLY C 122 -36.94 30.77 31.75
N GLU C 123 -37.42 29.90 30.86
CA GLU C 123 -36.71 28.67 30.51
C GLU C 123 -35.81 28.84 29.29
N LEU C 124 -34.67 28.12 29.31
CA LEU C 124 -33.75 28.08 28.17
C LEU C 124 -34.57 27.67 26.95
N LEU C 125 -35.47 26.71 27.16
CA LEU C 125 -36.36 26.20 26.11
C LEU C 125 -37.02 27.35 25.36
N LYS C 126 -37.57 28.30 26.11
CA LYS C 126 -38.24 29.45 25.51
C LYS C 126 -37.35 30.12 24.48
N TYR C 127 -36.06 30.23 24.80
CA TYR C 127 -35.15 30.92 23.90
C TYR C 127 -34.76 30.10 22.68
N ILE C 128 -34.70 28.78 22.84
CA ILE C 128 -34.47 27.90 21.71
C ILE C 128 -35.66 28.03 20.74
N ARG C 129 -36.86 28.03 21.28
CA ARG C 129 -38.05 28.19 20.44
C ARG C 129 -38.02 29.55 19.76
N LYS C 130 -37.77 30.60 20.53
CA LYS C 130 -37.80 31.96 20.03
C LYS C 130 -36.71 32.28 18.99
N ILE C 131 -35.47 31.90 19.29
CA ILE C 131 -34.34 32.20 18.42
C ILE C 131 -34.12 31.15 17.34
N GLY C 132 -34.62 29.94 17.57
CA GLY C 132 -34.42 28.86 16.63
C GLY C 132 -33.18 28.01 16.92
N SER C 133 -32.01 28.65 16.92
CA SER C 133 -30.75 27.99 17.30
C SER C 133 -29.73 29.05 17.67
N PHE C 134 -28.80 28.73 18.55
CA PHE C 134 -27.82 29.73 19.04
C PHE C 134 -26.59 29.79 18.15
N ASP C 135 -25.99 30.98 18.04
CA ASP C 135 -24.74 31.08 17.32
C ASP C 135 -23.62 30.47 18.18
N GLU C 136 -22.41 30.41 17.65
CA GLU C 136 -21.32 29.76 18.37
C GLU C 136 -20.97 30.45 19.69
N THR C 137 -20.95 31.78 19.68
CA THR C 137 -20.65 32.53 20.89
C THR C 137 -21.61 32.21 22.04
N CYS C 138 -22.91 32.27 21.74
CA CYS C 138 -23.97 31.96 22.71
C CYS C 138 -23.98 30.49 23.15
N THR C 139 -23.85 29.58 22.20
CA THR C 139 -23.79 28.16 22.50
C THR C 139 -22.63 27.88 23.45
N ARG C 140 -21.49 28.51 23.17
CA ARG C 140 -20.27 28.28 23.95
C ARG C 140 -20.42 28.83 25.36
N PHE C 141 -20.96 30.03 25.48
CA PHE C 141 -21.14 30.64 26.79
C PHE C 141 -22.08 29.80 27.65
N TYR C 142 -23.31 29.57 27.19
CA TYR C 142 -24.27 28.79 27.96
C TYR C 142 -23.86 27.34 28.22
N THR C 143 -23.18 26.71 27.27
CA THR C 143 -22.70 25.37 27.52
C THR C 143 -21.71 25.43 28.69
N ALA C 144 -20.85 26.44 28.69
CA ALA C 144 -19.84 26.57 29.74
C ALA C 144 -20.48 26.76 31.11
N GLU C 145 -21.54 27.57 31.18
CA GLU C 145 -22.21 27.71 32.48
C GLU C 145 -22.84 26.38 32.92
N ILE C 146 -23.41 25.64 31.98
CA ILE C 146 -23.99 24.31 32.30
C ILE C 146 -22.92 23.32 32.79
N VAL C 147 -21.75 23.32 32.13
CA VAL C 147 -20.63 22.49 32.54
C VAL C 147 -20.17 22.83 33.96
N SER C 148 -20.01 24.13 34.19
CA SER C 148 -19.62 24.62 35.51
C SER C 148 -20.64 24.22 36.59
N ALA C 149 -21.94 24.28 36.25
CA ALA C 149 -22.98 23.89 37.20
C ALA C 149 -22.93 22.39 37.48
N LEU C 150 -22.83 21.58 36.44
CA LEU C 150 -22.74 20.13 36.61
C LEU C 150 -21.49 19.73 37.41
N GLU C 151 -20.39 20.46 37.23
CA GLU C 151 -19.19 20.17 38.02
C GLU C 151 -19.49 20.35 39.49
N TYR C 152 -20.16 21.45 39.83
CA TYR C 152 -20.56 21.69 41.21
C TYR C 152 -21.48 20.58 41.71
N LEU C 153 -22.52 20.24 40.95
CA LEU C 153 -23.49 19.24 41.38
C LEU C 153 -22.84 17.90 41.63
N HIS C 154 -22.05 17.45 40.67
CA HIS C 154 -21.41 16.14 40.74
C HIS C 154 -20.40 16.06 41.87
N GLY C 155 -19.70 17.17 42.12
CA GLY C 155 -18.82 17.26 43.26
C GLY C 155 -19.55 17.08 44.58
N LYS C 156 -20.84 17.44 44.62
CA LYS C 156 -21.65 17.23 45.81
C LYS C 156 -22.30 15.85 45.86
N GLY C 157 -22.00 15.00 44.88
CA GLY C 157 -22.58 13.67 44.83
C GLY C 157 -24.04 13.67 44.44
N ILE C 158 -24.46 14.66 43.66
CA ILE C 158 -25.84 14.76 43.19
C ILE C 158 -25.95 14.56 41.68
N ILE C 159 -26.82 13.66 41.24
CA ILE C 159 -27.09 13.46 39.81
C ILE C 159 -28.41 14.10 39.44
N HIS C 160 -28.42 15.00 38.46
CA HIS C 160 -29.68 15.68 38.18
C HIS C 160 -30.74 14.69 37.66
N ARG C 161 -30.35 13.89 36.67
CA ARG C 161 -31.17 12.80 36.16
C ARG C 161 -32.29 13.26 35.20
N ASP C 162 -32.53 14.55 35.10
CA ASP C 162 -33.55 15.04 34.16
C ASP C 162 -33.20 16.42 33.59
N LEU C 163 -31.93 16.62 33.28
CA LEU C 163 -31.46 17.91 32.78
C LEU C 163 -31.98 18.15 31.37
N LYS C 164 -32.58 19.32 31.14
CA LYS C 164 -33.15 19.68 29.85
C LYS C 164 -33.43 21.19 29.77
N PRO C 165 -33.59 21.72 28.57
CA PRO C 165 -33.78 23.17 28.48
C PRO C 165 -34.96 23.69 29.30
N GLU C 166 -35.97 22.85 29.52
CA GLU C 166 -37.11 23.21 30.35
C GLU C 166 -36.70 23.51 31.80
N ASN C 167 -35.61 22.87 32.23
CA ASN C 167 -35.08 22.87 33.60
C ASN C 167 -33.94 23.85 33.85
N ILE C 168 -33.46 24.44 32.77
CA ILE C 168 -32.37 25.39 32.86
C ILE C 168 -32.98 26.77 32.70
N LEU C 169 -33.09 27.50 33.80
CA LEU C 169 -33.77 28.80 33.79
C LEU C 169 -32.76 29.91 33.55
N LEU C 170 -33.29 31.09 33.20
CA LEU C 170 -32.45 32.29 33.01
C LEU C 170 -32.92 33.39 33.95
N ASN C 171 -31.99 33.91 34.76
CA ASN C 171 -32.37 34.96 35.68
C ASN C 171 -32.33 36.33 35.01
N GLU C 172 -32.56 37.37 35.79
CA GLU C 172 -32.70 38.71 35.22
C GLU C 172 -31.42 39.15 34.52
N ASP C 173 -30.28 38.68 34.99
CA ASP C 173 -29.00 39.00 34.37
C ASP C 173 -28.63 38.03 33.24
N MET C 174 -29.56 37.13 32.91
CA MET C 174 -29.38 36.14 31.83
C MET C 174 -28.28 35.08 32.08
N HIS C 175 -27.87 34.95 33.34
CA HIS C 175 -27.12 33.78 33.76
C HIS C 175 -28.08 32.61 34.06
N ILE C 176 -27.60 31.38 33.95
CA ILE C 176 -28.48 30.22 34.13
C ILE C 176 -28.75 29.93 35.60
N GLN C 177 -29.90 29.33 35.87
CA GLN C 177 -30.23 28.80 37.19
C GLN C 177 -30.97 27.50 36.99
N ILE C 178 -30.32 26.39 37.31
CA ILE C 178 -30.88 25.07 37.07
C ILE C 178 -31.81 24.72 38.22
N THR C 179 -32.95 24.13 37.87
CA THR C 179 -33.97 23.78 38.86
C THR C 179 -34.47 22.35 38.63
N ASP C 180 -35.54 21.97 39.33
CA ASP C 180 -36.24 20.70 39.09
C ASP C 180 -35.48 19.49 39.67
N PHE C 181 -35.44 19.41 40.99
CA PHE C 181 -34.61 18.42 41.68
C PHE C 181 -35.37 17.30 42.39
N GLY C 182 -36.70 17.31 42.30
CA GLY C 182 -37.47 16.23 42.89
C GLY C 182 -37.07 14.87 42.34
N THR C 183 -36.62 14.84 41.09
CA THR C 183 -36.24 13.59 40.42
C THR C 183 -34.74 13.27 40.46
N ALA C 184 -33.98 14.04 41.23
CA ALA C 184 -32.54 13.84 41.32
C ALA C 184 -32.18 12.59 42.14
N LYS C 185 -30.95 12.12 41.94
CA LYS C 185 -30.42 10.98 42.69
C LYS C 185 -29.26 11.47 43.54
N VAL C 186 -29.30 11.15 44.83
CA VAL C 186 -28.21 11.49 45.73
C VAL C 186 -27.41 10.23 46.05
N LEU C 187 -26.10 10.30 45.89
CA LEU C 187 -25.23 9.17 46.20
C LEU C 187 -24.94 9.18 47.69
N SER C 188 -25.68 8.37 48.43
CA SER C 188 -25.61 8.36 49.89
C SER C 188 -26.53 7.28 50.43
N PHE C 199 -37.36 5.20 37.53
CA PHE C 199 -37.46 6.52 36.92
C PHE C 199 -36.80 6.55 35.56
N VAL C 200 -37.46 7.21 34.62
CA VAL C 200 -36.89 7.48 33.31
C VAL C 200 -37.18 8.94 32.98
N GLY C 201 -36.13 9.75 32.96
CA GLY C 201 -36.28 11.16 32.61
C GLY C 201 -36.87 11.38 31.23
N THR C 202 -36.91 12.65 30.84
CA THR C 202 -37.50 13.05 29.57
C THR C 202 -36.84 12.32 28.40
N ALA C 203 -37.65 11.77 27.49
CA ALA C 203 -37.16 10.82 26.49
C ALA C 203 -36.01 11.34 25.63
N GLN C 204 -36.10 12.60 25.21
CA GLN C 204 -35.07 13.24 24.38
C GLN C 204 -33.68 13.20 25.01
N TYR C 205 -33.61 13.27 26.34
CA TYR C 205 -32.34 13.47 27.04
C TYR C 205 -31.88 12.31 27.91
N VAL C 206 -32.68 11.24 27.97
CA VAL C 206 -32.35 10.09 28.81
C VAL C 206 -31.14 9.33 28.30
N SER C 207 -30.34 8.80 29.21
CA SER C 207 -29.10 8.11 28.89
C SER C 207 -29.40 6.64 28.67
N PRO C 208 -28.54 5.96 27.89
CA PRO C 208 -28.71 4.53 27.59
C PRO C 208 -28.66 3.70 28.86
N GLU C 209 -27.79 4.06 29.80
CA GLU C 209 -27.65 3.26 31.01
C GLU C 209 -28.90 3.28 31.89
N LEU C 210 -29.57 4.43 31.97
CA LEU C 210 -30.83 4.52 32.72
C LEU C 210 -31.88 3.63 32.09
N LEU C 211 -31.97 3.67 30.77
CA LEU C 211 -32.92 2.82 30.05
C LEU C 211 -32.66 1.33 30.29
N THR C 212 -31.44 0.90 30.01
CA THR C 212 -31.14 -0.51 29.93
C THR C 212 -30.71 -1.12 31.26
N GLU C 213 -30.17 -0.27 32.14
CA GLU C 213 -29.67 -0.75 33.41
C GLU C 213 -30.44 -0.26 34.62
N LYS C 214 -31.39 0.65 34.39
CA LYS C 214 -32.24 1.17 35.47
C LYS C 214 -31.44 1.96 36.48
N SER C 215 -30.28 2.43 36.07
CA SER C 215 -29.40 3.15 36.99
C SER C 215 -28.72 4.29 36.26
N ALA C 216 -28.96 5.52 36.72
CA ALA C 216 -28.24 6.68 36.20
C ALA C 216 -26.97 6.84 37.03
N CYS C 217 -26.00 7.59 36.48
CA CYS C 217 -24.82 7.98 37.22
C CYS C 217 -24.53 9.43 36.85
N LYS C 218 -23.51 10.03 37.47
CA LYS C 218 -23.18 11.42 37.16
C LYS C 218 -23.05 11.62 35.66
N SER C 219 -22.37 10.67 35.02
CA SER C 219 -22.13 10.70 33.58
C SER C 219 -23.44 10.78 32.76
N SER C 220 -24.55 10.32 33.33
CA SER C 220 -25.83 10.42 32.64
C SER C 220 -26.20 11.88 32.35
N ASP C 221 -25.79 12.78 33.24
CA ASP C 221 -26.04 14.21 33.03
C ASP C 221 -25.14 14.75 31.91
N LEU C 222 -23.99 14.12 31.71
CA LEU C 222 -23.10 14.57 30.63
C LEU C 222 -23.66 14.13 29.29
N TRP C 223 -24.33 12.99 29.27
CA TRP C 223 -25.07 12.57 28.07
C TRP C 223 -26.15 13.60 27.75
N ALA C 224 -26.91 14.01 28.77
CA ALA C 224 -27.92 15.04 28.59
C ALA C 224 -27.32 16.35 28.08
N LEU C 225 -26.14 16.72 28.62
CA LEU C 225 -25.40 17.89 28.13
C LEU C 225 -25.11 17.79 26.63
N GLY C 226 -24.65 16.62 26.19
CA GLY C 226 -24.43 16.38 24.78
C GLY C 226 -25.68 16.67 23.95
N CYS C 227 -26.82 16.19 24.44
CA CYS C 227 -28.09 16.39 23.76
C CYS C 227 -28.45 17.86 23.71
N ILE C 228 -28.17 18.56 24.80
CA ILE C 228 -28.49 19.98 24.93
C ILE C 228 -27.60 20.84 24.02
N ILE C 229 -26.30 20.53 24.00
CA ILE C 229 -25.39 21.22 23.09
C ILE C 229 -25.89 21.04 21.66
N TYR C 230 -26.21 19.81 21.29
CA TYR C 230 -26.73 19.52 19.97
C TYR C 230 -27.98 20.34 19.68
N GLN C 231 -28.88 20.41 20.65
CA GLN C 231 -30.13 21.14 20.46
C GLN C 231 -29.90 22.64 20.25
N LEU C 232 -28.99 23.23 21.02
CA LEU C 232 -28.66 24.65 20.87
C LEU C 232 -28.11 24.97 19.50
N VAL C 233 -27.23 24.10 18.99
CA VAL C 233 -26.62 24.33 17.69
C VAL C 233 -27.56 24.04 16.54
N ALA C 234 -28.29 22.92 16.62
CA ALA C 234 -29.14 22.46 15.52
C ALA C 234 -30.56 23.01 15.60
N GLY C 235 -30.98 23.43 16.78
CA GLY C 235 -32.37 23.88 16.95
C GLY C 235 -33.32 22.76 17.35
N LEU C 236 -32.80 21.52 17.32
CA LEU C 236 -33.57 20.33 17.67
C LEU C 236 -32.67 19.34 18.39
N PRO C 237 -33.26 18.49 19.26
CA PRO C 237 -32.46 17.47 19.92
C PRO C 237 -32.08 16.33 18.97
N PRO C 238 -31.03 15.58 19.30
CA PRO C 238 -30.46 14.63 18.33
C PRO C 238 -31.27 13.35 18.11
N PHE C 239 -31.91 12.82 19.15
CA PHE C 239 -32.67 11.58 19.02
C PHE C 239 -34.13 11.98 18.92
N ARG C 240 -34.64 11.87 17.70
CA ARG C 240 -35.99 12.31 17.37
C ARG C 240 -36.71 11.17 16.70
N ALA C 241 -37.96 10.97 17.05
CA ALA C 241 -38.75 9.93 16.42
C ALA C 241 -40.20 10.11 16.81
N GLY C 242 -41.07 9.28 16.22
CA GLY C 242 -42.51 9.48 16.29
C GLY C 242 -43.12 9.19 17.63
N ASN C 243 -42.44 8.40 18.46
CA ASN C 243 -42.90 8.20 19.83
C ASN C 243 -41.75 7.85 20.78
N GLU C 244 -42.09 7.77 22.06
CA GLU C 244 -41.13 7.45 23.08
C GLU C 244 -40.37 6.14 22.82
N TYR C 245 -41.08 5.10 22.37
CA TYR C 245 -40.44 3.82 22.12
C TYR C 245 -39.36 3.94 21.02
N LEU C 246 -39.74 4.63 19.94
CA LEU C 246 -38.85 4.80 18.81
C LEU C 246 -37.65 5.70 19.15
N ILE C 247 -37.86 6.68 20.03
CA ILE C 247 -36.76 7.54 20.48
C ILE C 247 -35.75 6.70 21.29
N PHE C 248 -36.27 5.88 22.19
CA PHE C 248 -35.43 4.97 22.98
C PHE C 248 -34.58 4.09 22.09
N GLN C 249 -35.19 3.53 21.05
CA GLN C 249 -34.46 2.68 20.12
C GLN C 249 -33.27 3.41 19.52
N LYS C 250 -33.48 4.64 19.06
CA LYS C 250 -32.40 5.45 18.52
C LYS C 250 -31.32 5.71 19.58
N ILE C 251 -31.73 6.04 20.80
CA ILE C 251 -30.78 6.26 21.88
C ILE C 251 -29.85 5.04 22.07
N ILE C 252 -30.43 3.86 22.22
CA ILE C 252 -29.68 2.64 22.49
C ILE C 252 -28.74 2.25 21.37
N LYS C 253 -29.10 2.61 20.13
CA LYS C 253 -28.27 2.30 18.96
C LYS C 253 -27.37 3.47 18.59
N LEU C 254 -27.45 4.56 19.36
CA LEU C 254 -26.70 5.78 19.04
C LEU C 254 -26.94 6.22 17.59
N GLU C 255 -28.22 6.27 17.21
CA GLU C 255 -28.61 6.61 15.85
C GLU C 255 -29.07 8.08 15.77
N TYR C 256 -28.19 8.92 15.22
CA TYR C 256 -28.49 10.33 15.04
C TYR C 256 -27.51 10.88 14.01
N ASP C 257 -27.80 12.07 13.51
CA ASP C 257 -26.98 12.69 12.47
C ASP C 257 -26.76 14.14 12.84
N PHE C 258 -25.73 14.75 12.25
CA PHE C 258 -25.47 16.16 12.43
C PHE C 258 -25.95 16.90 11.19
N PRO C 259 -26.65 18.03 11.38
CA PRO C 259 -27.05 18.81 10.20
C PRO C 259 -25.82 19.52 9.63
N GLU C 260 -25.97 20.14 8.47
CA GLU C 260 -24.85 20.77 7.77
C GLU C 260 -24.35 22.05 8.44
N LYS C 261 -25.16 22.66 9.29
CA LYS C 261 -24.79 23.91 9.93
C LYS C 261 -23.96 23.74 11.22
N PHE C 262 -23.71 22.50 11.60
CA PHE C 262 -23.09 22.22 12.90
C PHE C 262 -21.63 22.65 13.01
N PHE C 263 -21.32 23.53 13.98
CA PHE C 263 -19.94 23.99 14.21
C PHE C 263 -19.03 22.79 14.43
N PRO C 264 -17.90 22.75 13.71
CA PRO C 264 -16.97 21.62 13.77
C PRO C 264 -16.50 21.25 15.18
N LYS C 265 -16.19 22.24 16.02
CA LYS C 265 -15.72 21.92 17.37
C LYS C 265 -16.86 21.39 18.22
N ALA C 266 -18.07 21.87 17.95
CA ALA C 266 -19.23 21.39 18.69
C ALA C 266 -19.58 19.97 18.24
N ARG C 267 -19.39 19.69 16.95
CA ARG C 267 -19.58 18.33 16.46
C ARG C 267 -18.70 17.38 17.26
N ASP C 268 -17.41 17.71 17.36
CA ASP C 268 -16.49 16.85 18.07
C ASP C 268 -16.88 16.65 19.54
N LEU C 269 -17.21 17.75 20.21
CA LEU C 269 -17.59 17.71 21.63
C LEU C 269 -18.80 16.80 21.88
N VAL C 270 -19.85 17.00 21.09
CA VAL C 270 -21.04 16.14 21.14
C VAL C 270 -20.70 14.66 20.95
N GLU C 271 -19.85 14.35 19.98
CA GLU C 271 -19.43 12.97 19.76
C GLU C 271 -18.67 12.41 20.95
N LYS C 272 -18.06 13.28 21.72
CA LYS C 272 -17.33 12.83 22.92
C LYS C 272 -18.21 12.77 24.17
N LEU C 273 -19.41 13.31 24.06
CA LEU C 273 -20.40 13.22 25.14
C LEU C 273 -21.44 12.11 24.88
N LEU C 274 -21.89 11.99 23.64
CA LEU C 274 -22.88 10.97 23.29
C LEU C 274 -22.18 9.64 22.99
N VAL C 275 -21.73 8.98 24.06
CA VAL C 275 -21.01 7.72 23.97
C VAL C 275 -21.78 6.72 24.83
N LEU C 276 -22.08 5.54 24.30
CA LEU C 276 -22.94 4.57 25.00
C LEU C 276 -22.38 4.20 26.38
N ASP C 277 -21.10 3.91 26.42
CA ASP C 277 -20.40 3.57 27.66
C ASP C 277 -20.26 4.80 28.56
N ALA C 278 -20.98 4.82 29.68
CA ALA C 278 -20.97 5.98 30.59
C ALA C 278 -19.61 6.29 31.22
N THR C 279 -18.68 5.35 31.16
CA THR C 279 -17.35 5.55 31.75
C THR C 279 -16.35 6.11 30.73
N LYS C 280 -16.84 6.43 29.54
CA LYS C 280 -15.96 6.94 28.49
C LYS C 280 -16.42 8.30 27.94
N ARG C 281 -17.28 9.00 28.67
CA ARG C 281 -17.70 10.32 28.27
C ARG C 281 -16.71 11.40 28.74
N LEU C 282 -16.38 12.32 27.84
CA LEU C 282 -15.52 13.45 28.21
C LEU C 282 -16.11 14.16 29.42
N GLY C 283 -15.31 14.31 30.47
CA GLY C 283 -15.79 14.95 31.69
C GLY C 283 -16.14 14.00 32.83
N CYS C 284 -16.35 12.72 32.51
CA CYS C 284 -16.73 11.78 33.55
C CYS C 284 -15.51 11.41 34.41
N GLU C 285 -15.78 10.89 35.61
CA GLU C 285 -14.72 10.57 36.57
C GLU C 285 -13.69 9.59 36.01
N GLU C 286 -14.15 8.55 35.31
CA GLU C 286 -13.25 7.53 34.75
C GLU C 286 -12.38 8.07 33.60
N MET C 287 -12.77 9.22 33.07
CA MET C 287 -11.99 9.90 32.03
C MET C 287 -11.23 11.06 32.65
N GLU C 288 -11.10 11.01 33.98
CA GLU C 288 -10.33 11.99 34.76
C GLU C 288 -10.99 13.37 34.95
N GLY C 289 -12.31 13.40 34.84
CA GLY C 289 -13.07 14.53 35.34
C GLY C 289 -13.22 15.74 34.44
N TYR C 290 -13.53 16.87 35.07
CA TYR C 290 -13.90 18.10 34.36
C TYR C 290 -12.75 18.84 33.67
N GLY C 291 -11.53 18.65 34.15
CA GLY C 291 -10.35 19.27 33.54
C GLY C 291 -10.30 19.17 32.01
N PRO C 292 -10.19 17.95 31.49
CA PRO C 292 -10.13 17.67 30.05
C PRO C 292 -11.38 18.12 29.31
N LEU C 293 -12.53 18.12 29.99
CA LEU C 293 -13.75 18.64 29.37
C LEU C 293 -13.63 20.15 29.17
N LYS C 294 -13.25 20.86 30.22
CA LYS C 294 -13.11 22.31 30.13
C LYS C 294 -11.99 22.71 29.17
N ALA C 295 -11.06 21.79 28.90
CA ALA C 295 -9.95 22.10 27.99
C ALA C 295 -10.33 21.92 26.51
N HIS C 296 -11.50 21.34 26.25
CA HIS C 296 -11.92 21.17 24.86
C HIS C 296 -11.90 22.51 24.14
N PRO C 297 -11.41 22.52 22.89
CA PRO C 297 -11.25 23.77 22.14
C PRO C 297 -12.57 24.44 21.81
N PHE C 298 -13.67 23.70 21.95
CA PHE C 298 -14.98 24.35 21.84
C PHE C 298 -15.10 25.49 22.84
N PHE C 299 -14.34 25.37 23.94
CA PHE C 299 -14.38 26.39 25.00
C PHE C 299 -13.20 27.37 24.93
N GLU C 300 -12.52 27.37 23.79
CA GLU C 300 -11.25 28.08 23.64
C GLU C 300 -11.23 29.49 24.21
N SER C 301 -12.24 30.29 23.89
CA SER C 301 -12.21 31.69 24.29
C SER C 301 -12.90 31.91 25.64
N VAL C 302 -13.14 30.83 26.37
CA VAL C 302 -13.91 30.92 27.61
C VAL C 302 -13.03 31.18 28.83
N THR C 303 -13.45 32.11 29.65
CA THR C 303 -12.76 32.36 30.87
C THR C 303 -13.59 31.69 31.97
N TRP C 304 -13.13 30.57 32.43
CA TRP C 304 -13.83 29.78 33.39
C TRP C 304 -13.96 30.39 34.77
N GLU C 305 -13.00 31.20 35.19
CA GLU C 305 -12.87 31.57 36.59
C GLU C 305 -14.05 32.30 37.21
N ASN C 306 -14.55 33.37 36.67
CA ASN C 306 -15.74 33.84 37.39
C ASN C 306 -16.88 34.09 36.43
N LEU C 307 -17.33 32.99 35.85
CA LEU C 307 -18.24 32.95 34.74
C LEU C 307 -19.49 33.66 35.11
N HIS C 308 -19.89 33.46 36.34
CA HIS C 308 -21.16 33.99 36.78
C HIS C 308 -21.15 35.51 36.91
N GLN C 309 -19.96 36.10 36.82
CA GLN C 309 -19.82 37.55 36.93
C GLN C 309 -19.67 38.21 35.56
N GLN C 310 -19.45 37.39 34.54
CA GLN C 310 -19.24 37.91 33.18
C GLN C 310 -20.55 38.29 32.53
N THR C 311 -20.48 39.23 31.61
CA THR C 311 -21.66 39.68 30.89
C THR C 311 -22.01 38.68 29.79
N PRO C 312 -23.17 38.03 29.90
CA PRO C 312 -23.55 37.05 28.87
C PRO C 312 -23.76 37.67 27.50
N PRO C 313 -23.35 36.96 26.43
CA PRO C 313 -23.59 37.47 25.09
C PRO C 313 -25.08 37.52 24.78
N LYS C 314 -25.52 38.57 24.11
CA LYS C 314 -26.92 38.72 23.76
C LYS C 314 -27.34 37.56 22.85
N LEU C 315 -28.50 36.96 23.13
CA LEU C 315 -28.97 35.84 22.34
C LEU C 315 -29.43 36.28 20.95
N THR C 316 -28.79 35.74 19.93
CA THR C 316 -29.00 36.25 18.56
C THR C 316 -29.06 35.18 17.46
N GLN D 30 54.30 -48.98 -29.77
CA GLN D 30 53.56 -47.73 -29.82
C GLN D 30 53.79 -46.99 -31.13
N PRO D 31 52.72 -46.42 -31.72
CA PRO D 31 52.72 -45.86 -33.08
C PRO D 31 53.51 -44.56 -33.23
N ARG D 32 54.25 -44.45 -34.33
CA ARG D 32 54.97 -43.23 -34.65
C ARG D 32 53.98 -42.11 -34.99
N LYS D 33 54.47 -40.87 -34.91
CA LYS D 33 53.70 -39.73 -35.37
C LYS D 33 53.44 -39.87 -36.87
N LYS D 34 52.30 -39.37 -37.31
CA LYS D 34 52.04 -39.32 -38.74
C LYS D 34 53.02 -38.36 -39.39
N ARG D 35 53.22 -38.53 -40.69
CA ARG D 35 54.13 -37.66 -41.45
C ARG D 35 53.40 -37.18 -42.69
N PRO D 36 53.90 -36.10 -43.32
CA PRO D 36 53.23 -35.59 -44.51
C PRO D 36 53.10 -36.65 -45.60
N GLU D 37 54.08 -37.56 -45.69
CA GLU D 37 54.06 -38.56 -46.76
C GLU D 37 52.96 -39.59 -46.52
N ASP D 38 52.35 -39.57 -45.35
CA ASP D 38 51.25 -40.50 -45.06
C ASP D 38 49.95 -40.06 -45.73
N PHE D 39 49.96 -38.86 -46.31
CA PHE D 39 48.74 -38.27 -46.86
C PHE D 39 48.92 -37.84 -48.30
N LYS D 40 47.82 -37.89 -49.05
CA LYS D 40 47.75 -37.21 -50.32
C LYS D 40 47.04 -35.88 -50.08
N PHE D 41 47.80 -34.80 -50.17
CA PHE D 41 47.22 -33.48 -49.95
C PHE D 41 46.45 -33.01 -51.17
N GLY D 42 45.18 -32.67 -50.97
CA GLY D 42 44.31 -32.30 -52.07
C GLY D 42 43.95 -30.82 -52.10
N LYS D 43 42.70 -30.54 -52.44
CA LYS D 43 42.20 -29.17 -52.54
C LYS D 43 42.47 -28.39 -51.27
N ILE D 44 42.91 -27.15 -51.45
CA ILE D 44 42.96 -26.22 -50.34
C ILE D 44 41.52 -25.76 -50.06
N LEU D 45 41.11 -25.85 -48.80
CA LEU D 45 39.75 -25.48 -48.44
C LEU D 45 39.65 -23.99 -48.19
N GLY D 46 40.69 -23.43 -47.55
CA GLY D 46 40.74 -22.01 -47.32
C GLY D 46 42.04 -21.62 -46.64
N GLU D 47 42.36 -20.33 -46.71
CA GLU D 47 43.57 -19.81 -46.09
C GLU D 47 43.25 -18.70 -45.13
N GLY D 48 43.91 -18.72 -43.97
CA GLY D 48 43.83 -17.65 -43.01
C GLY D 48 45.16 -16.94 -42.92
N SER D 49 45.26 -16.02 -41.98
CA SER D 49 46.48 -15.22 -41.84
C SER D 49 47.68 -16.10 -41.48
N PHE D 50 47.46 -17.13 -40.67
CA PHE D 50 48.56 -17.94 -40.18
C PHE D 50 48.52 -19.41 -40.57
N SER D 51 47.55 -19.78 -41.42
CA SER D 51 47.34 -21.19 -41.72
C SER D 51 46.67 -21.42 -43.04
N THR D 52 46.87 -22.63 -43.55
CA THR D 52 46.13 -23.14 -44.68
C THR D 52 45.43 -24.43 -44.24
N VAL D 53 44.13 -24.54 -44.50
CA VAL D 53 43.39 -25.76 -44.24
C VAL D 53 43.22 -26.52 -45.55
N VAL D 54 43.68 -27.76 -45.58
CA VAL D 54 43.73 -28.55 -46.81
C VAL D 54 43.02 -29.88 -46.64
N LEU D 55 42.21 -30.26 -47.62
CA LEU D 55 41.58 -31.56 -47.64
C LEU D 55 42.63 -32.61 -47.96
N ALA D 56 42.75 -33.62 -47.11
CA ALA D 56 43.80 -34.62 -47.27
C ALA D 56 43.24 -36.01 -47.07
N ARG D 57 43.82 -36.98 -47.76
CA ARG D 57 43.39 -38.35 -47.63
C ARG D 57 44.53 -39.14 -47.00
N GLU D 58 44.29 -39.71 -45.82
CA GLU D 58 45.27 -40.59 -45.23
C GLU D 58 45.31 -41.86 -46.07
N LEU D 59 46.43 -42.08 -46.74
CA LEU D 59 46.51 -43.05 -47.81
C LEU D 59 46.26 -44.49 -47.36
N ALA D 60 46.83 -44.87 -46.24
CA ALA D 60 46.66 -46.23 -45.73
C ALA D 60 45.19 -46.61 -45.52
N THR D 61 44.39 -45.71 -44.93
CA THR D 61 43.00 -46.05 -44.59
C THR D 61 41.98 -45.37 -45.48
N SER D 62 42.47 -44.56 -46.42
CA SER D 62 41.60 -43.81 -47.32
C SER D 62 40.66 -42.84 -46.60
N ARG D 63 41.02 -42.47 -45.37
CA ARG D 63 40.21 -41.56 -44.58
C ARG D 63 40.52 -40.11 -44.94
N GLU D 64 39.48 -39.31 -45.13
CA GLU D 64 39.64 -37.87 -45.41
C GLU D 64 39.67 -37.04 -44.13
N TYR D 65 40.56 -36.06 -44.10
CA TYR D 65 40.72 -35.15 -42.97
C TYR D 65 40.90 -33.74 -43.49
N ALA D 66 40.47 -32.76 -42.70
CA ALA D 66 40.84 -31.38 -42.94
C ALA D 66 42.12 -31.16 -42.17
N ILE D 67 43.24 -31.01 -42.87
CA ILE D 67 44.48 -30.74 -42.15
C ILE D 67 44.80 -29.26 -42.16
N LYS D 68 44.85 -28.69 -40.96
CA LYS D 68 45.25 -27.30 -40.80
C LYS D 68 46.77 -27.22 -40.69
N ILE D 69 47.38 -26.52 -41.64
CA ILE D 69 48.82 -26.38 -41.73
C ILE D 69 49.24 -24.98 -41.31
N LEU D 70 50.07 -24.91 -40.28
CA LEU D 70 50.55 -23.64 -39.73
C LEU D 70 52.05 -23.43 -39.97
N GLU D 71 52.41 -22.23 -40.41
CA GLU D 71 53.82 -21.89 -40.68
C GLU D 71 54.50 -21.38 -39.41
N LYS D 72 55.45 -22.16 -38.90
CA LYS D 72 56.06 -21.87 -37.60
C LYS D 72 56.67 -20.47 -37.52
N ARG D 73 57.51 -20.13 -38.49
CA ARG D 73 58.15 -18.82 -38.53
C ARG D 73 57.12 -17.71 -38.38
N HIS D 74 56.05 -17.78 -39.17
CA HIS D 74 55.04 -16.73 -39.18
C HIS D 74 54.33 -16.57 -37.84
N ILE D 75 54.00 -17.70 -37.19
CA ILE D 75 53.34 -17.66 -35.89
C ILE D 75 54.27 -17.11 -34.82
N ILE D 76 55.53 -17.52 -34.89
CA ILE D 76 56.51 -17.05 -33.95
C ILE D 76 56.74 -15.54 -34.06
N LYS D 77 56.96 -15.04 -35.27
CA LYS D 77 57.19 -13.64 -35.48
C LYS D 77 55.98 -12.86 -35.03
N GLU D 78 54.80 -13.41 -35.05
CA GLU D 78 53.65 -12.63 -34.57
C GLU D 78 53.21 -12.98 -33.14
N ASN D 79 54.08 -13.67 -32.42
CA ASN D 79 53.84 -13.99 -31.03
C ASN D 79 52.45 -14.53 -30.90
N LYS D 80 52.09 -15.46 -31.75
CA LYS D 80 50.72 -15.99 -31.80
C LYS D 80 50.59 -17.43 -31.34
N VAL D 81 51.68 -17.97 -30.83
CA VAL D 81 51.67 -19.33 -30.40
C VAL D 81 50.59 -19.64 -29.35
N PRO D 82 50.35 -18.77 -28.39
CA PRO D 82 49.28 -19.10 -27.45
C PRO D 82 48.01 -19.55 -28.17
N TYR D 83 47.76 -18.97 -29.34
CA TYR D 83 46.62 -19.36 -30.15
C TYR D 83 46.77 -20.81 -30.60
N VAL D 84 48.02 -21.19 -30.89
CA VAL D 84 48.32 -22.51 -31.43
C VAL D 84 48.15 -23.61 -30.38
N THR D 85 48.64 -23.35 -29.17
CA THR D 85 48.52 -24.29 -28.06
C THR D 85 47.08 -24.38 -27.55
N ARG D 86 46.45 -23.24 -27.34
CA ARG D 86 45.04 -23.20 -26.96
C ARG D 86 44.23 -23.98 -27.99
N GLU D 87 44.54 -23.77 -29.27
CA GLU D 87 43.81 -24.46 -30.31
C GLU D 87 43.97 -25.96 -30.16
N ARG D 88 45.22 -26.42 -30.01
CA ARG D 88 45.49 -27.85 -29.88
C ARG D 88 44.86 -28.40 -28.59
N ASP D 89 45.06 -27.69 -27.49
CA ASP D 89 44.49 -28.08 -26.19
C ASP D 89 42.97 -28.18 -26.19
N VAL D 90 42.28 -27.12 -26.61
CA VAL D 90 40.82 -27.11 -26.59
C VAL D 90 40.18 -28.15 -27.49
N MET D 91 40.64 -28.24 -28.73
CA MET D 91 40.08 -29.21 -29.67
C MET D 91 40.27 -30.65 -29.23
N SER D 92 41.33 -30.93 -28.48
CA SER D 92 41.53 -32.28 -27.98
C SER D 92 40.54 -32.59 -26.85
N ARG D 93 40.00 -31.54 -26.21
CA ARG D 93 38.98 -31.71 -25.16
C ARG D 93 37.61 -32.03 -25.73
N LEU D 94 37.40 -31.72 -27.00
CA LEU D 94 36.07 -31.79 -27.60
C LEU D 94 35.69 -33.20 -28.04
N ASP D 95 34.64 -33.75 -27.44
CA ASP D 95 34.09 -35.01 -27.87
C ASP D 95 32.55 -34.97 -27.84
N HIS D 96 31.98 -34.19 -28.75
CA HIS D 96 30.54 -34.03 -28.86
C HIS D 96 30.23 -33.93 -30.33
N PRO D 97 29.09 -34.47 -30.77
CA PRO D 97 28.82 -34.55 -32.22
C PRO D 97 28.78 -33.23 -32.97
N PHE D 98 28.55 -32.09 -32.29
CA PHE D 98 28.43 -30.80 -32.98
C PHE D 98 29.74 -30.01 -32.98
N PHE D 99 30.87 -30.69 -32.84
CA PHE D 99 32.15 -30.02 -32.85
C PHE D 99 33.14 -30.73 -33.75
N VAL D 100 33.99 -29.94 -34.40
CA VAL D 100 35.12 -30.53 -35.13
C VAL D 100 36.03 -31.18 -34.09
N LYS D 101 36.61 -32.32 -34.44
CA LYS D 101 37.50 -33.01 -33.51
C LYS D 101 38.92 -32.93 -34.01
N LEU D 102 39.87 -32.96 -33.10
CA LEU D 102 41.28 -33.07 -33.46
C LEU D 102 41.73 -34.52 -33.29
N TYR D 103 42.25 -35.11 -34.35
CA TYR D 103 42.58 -36.53 -34.30
C TYR D 103 44.07 -36.81 -34.16
N PHE D 104 44.89 -35.90 -34.66
CA PHE D 104 46.34 -36.08 -34.61
C PHE D 104 47.06 -34.75 -34.81
N CYS D 105 48.34 -34.72 -34.46
CA CYS D 105 49.18 -33.57 -34.63
C CYS D 105 50.52 -34.11 -35.00
N PHE D 106 51.18 -33.49 -35.98
CA PHE D 106 52.58 -33.81 -36.24
C PHE D 106 53.25 -32.56 -36.80
N GLN D 107 54.56 -32.58 -36.92
CA GLN D 107 55.28 -31.37 -37.29
C GLN D 107 56.54 -31.66 -38.07
N ASP D 108 57.00 -30.65 -38.82
CA ASP D 108 58.32 -30.72 -39.42
C ASP D 108 59.10 -29.43 -39.16
N ASP D 109 60.18 -29.22 -39.90
CA ASP D 109 61.05 -28.09 -39.65
C ASP D 109 60.35 -26.75 -39.78
N GLU D 110 59.37 -26.65 -40.68
CA GLU D 110 58.74 -25.36 -40.90
C GLU D 110 57.24 -25.30 -40.61
N LYS D 111 56.60 -26.47 -40.48
CA LYS D 111 55.14 -26.50 -40.33
C LYS D 111 54.64 -27.33 -39.14
N LEU D 112 53.44 -26.97 -38.70
CA LEU D 112 52.69 -27.74 -37.70
C LEU D 112 51.40 -28.22 -38.39
N TYR D 113 51.05 -29.48 -38.19
CA TYR D 113 49.88 -30.07 -38.86
C TYR D 113 48.86 -30.58 -37.85
N PHE D 114 47.65 -30.01 -37.87
CA PHE D 114 46.55 -30.51 -37.05
C PHE D 114 45.59 -31.33 -37.93
N GLY D 115 45.38 -32.59 -37.60
CA GLY D 115 44.40 -33.41 -38.29
C GLY D 115 42.99 -33.24 -37.73
N LEU D 116 42.08 -32.70 -38.54
CA LEU D 116 40.74 -32.35 -38.07
C LEU D 116 39.63 -33.06 -38.83
N SER D 117 38.47 -33.21 -38.19
CA SER D 117 37.27 -33.67 -38.88
C SER D 117 37.06 -32.83 -40.12
N TYR D 118 36.66 -33.47 -41.21
CA TYR D 118 36.37 -32.75 -42.43
C TYR D 118 34.87 -32.54 -42.49
N ALA D 119 34.43 -31.28 -42.62
CA ALA D 119 33.01 -30.99 -42.77
C ALA D 119 32.71 -30.73 -44.24
N LYS D 120 32.24 -31.75 -44.92
CA LYS D 120 32.13 -31.75 -46.38
C LYS D 120 31.29 -30.61 -46.94
N ASN D 121 30.28 -30.18 -46.20
CA ASN D 121 29.38 -29.18 -46.75
C ASN D 121 29.73 -27.74 -46.42
N GLY D 122 30.90 -27.54 -45.83
CA GLY D 122 31.45 -26.21 -45.67
C GLY D 122 30.74 -25.38 -44.61
N GLU D 123 30.75 -24.06 -44.82
CA GLU D 123 30.32 -23.12 -43.79
C GLU D 123 28.84 -22.76 -43.85
N LEU D 124 28.26 -22.52 -42.68
CA LEU D 124 26.88 -22.05 -42.55
C LEU D 124 26.74 -20.77 -43.37
N LEU D 125 27.78 -19.94 -43.30
CA LEU D 125 27.84 -18.70 -44.06
C LEU D 125 27.45 -18.96 -45.51
N LYS D 126 28.06 -19.98 -46.12
CA LYS D 126 27.80 -20.31 -47.51
C LYS D 126 26.31 -20.48 -47.79
N TYR D 127 25.61 -21.08 -46.83
CA TYR D 127 24.20 -21.34 -47.02
C TYR D 127 23.32 -20.10 -46.82
N ILE D 128 23.70 -19.24 -45.90
CA ILE D 128 23.02 -17.96 -45.75
C ILE D 128 23.17 -17.16 -47.05
N ARG D 129 24.39 -17.09 -47.56
CA ARG D 129 24.66 -16.39 -48.80
C ARG D 129 23.87 -17.01 -49.94
N LYS D 130 24.00 -18.32 -50.08
CA LYS D 130 23.34 -19.04 -51.17
C LYS D 130 21.82 -18.89 -51.18
N ILE D 131 21.17 -19.10 -50.04
CA ILE D 131 19.71 -19.09 -50.01
C ILE D 131 19.07 -17.80 -49.47
N GLY D 132 19.89 -16.86 -49.03
CA GLY D 132 19.39 -15.56 -48.59
C GLY D 132 19.00 -15.50 -47.11
N SER D 133 18.00 -16.30 -46.74
CA SER D 133 17.58 -16.41 -45.34
C SER D 133 16.87 -17.75 -45.14
N PHE D 134 16.81 -18.23 -43.91
CA PHE D 134 16.23 -19.54 -43.63
C PHE D 134 14.75 -19.40 -43.30
N ASP D 135 13.95 -20.41 -43.62
CA ASP D 135 12.56 -20.40 -43.17
C ASP D 135 12.51 -20.69 -41.67
N GLU D 136 11.33 -20.74 -41.08
CA GLU D 136 11.24 -20.92 -39.64
C GLU D 136 11.71 -22.32 -39.23
N THR D 137 11.33 -23.33 -40.01
CA THR D 137 11.72 -24.70 -39.71
C THR D 137 13.23 -24.86 -39.66
N CYS D 138 13.92 -24.36 -40.69
CA CYS D 138 15.37 -24.46 -40.76
C CYS D 138 16.08 -23.64 -39.68
N THR D 139 15.62 -22.41 -39.47
CA THR D 139 16.17 -21.54 -38.45
C THR D 139 16.07 -22.22 -37.08
N ARG D 140 14.90 -22.76 -36.80
CA ARG D 140 14.64 -23.41 -35.52
C ARG D 140 15.58 -24.60 -35.30
N PHE D 141 15.68 -25.46 -36.31
CA PHE D 141 16.53 -26.63 -36.23
C PHE D 141 18.00 -26.29 -36.00
N TYR D 142 18.57 -25.47 -36.87
CA TYR D 142 19.98 -25.10 -36.70
C TYR D 142 20.25 -24.28 -35.43
N THR D 143 19.34 -23.39 -35.05
CA THR D 143 19.54 -22.67 -33.79
C THR D 143 19.61 -23.68 -32.65
N ALA D 144 18.73 -24.69 -32.68
CA ALA D 144 18.69 -25.70 -31.63
C ALA D 144 19.99 -26.47 -31.52
N GLU D 145 20.58 -26.83 -32.68
CA GLU D 145 21.86 -27.51 -32.65
C GLU D 145 22.93 -26.60 -32.08
N ILE D 146 22.90 -25.32 -32.44
CA ILE D 146 23.88 -24.38 -31.92
C ILE D 146 23.73 -24.23 -30.40
N VAL D 147 22.49 -24.11 -29.94
CA VAL D 147 22.22 -24.06 -28.50
C VAL D 147 22.75 -25.31 -27.78
N SER D 148 22.45 -26.47 -28.36
CA SER D 148 22.93 -27.73 -27.81
C SER D 148 24.45 -27.77 -27.72
N ALA D 149 25.12 -27.27 -28.76
CA ALA D 149 26.58 -27.24 -28.79
C ALA D 149 27.16 -26.31 -27.72
N LEU D 150 26.65 -25.08 -27.66
CA LEU D 150 27.10 -24.13 -26.65
C LEU D 150 26.87 -24.65 -25.23
N GLU D 151 25.76 -25.35 -25.02
CA GLU D 151 25.49 -25.92 -23.69
C GLU D 151 26.64 -26.86 -23.32
N TYR D 152 27.01 -27.70 -24.28
CA TYR D 152 28.12 -28.62 -24.06
C TYR D 152 29.41 -27.85 -23.78
N LEU D 153 29.71 -26.88 -24.62
CA LEU D 153 30.97 -26.15 -24.52
C LEU D 153 31.07 -25.40 -23.18
N HIS D 154 30.00 -24.72 -22.81
CA HIS D 154 29.96 -23.95 -21.56
C HIS D 154 30.04 -24.84 -20.31
N GLY D 155 29.38 -26.00 -20.36
CA GLY D 155 29.52 -26.98 -19.29
C GLY D 155 30.96 -27.41 -19.09
N LYS D 156 31.77 -27.31 -20.14
CA LYS D 156 33.19 -27.68 -20.05
C LYS D 156 34.10 -26.53 -19.63
N GLY D 157 33.50 -25.38 -19.39
CA GLY D 157 34.25 -24.22 -18.96
C GLY D 157 34.98 -23.55 -20.11
N ILE D 158 34.44 -23.70 -21.32
CA ILE D 158 35.06 -23.15 -22.51
C ILE D 158 34.17 -22.08 -23.16
N ILE D 159 34.74 -20.91 -23.43
CA ILE D 159 34.05 -19.83 -24.11
C ILE D 159 34.57 -19.73 -25.53
N HIS D 160 33.69 -19.83 -26.52
CA HIS D 160 34.19 -19.84 -27.91
C HIS D 160 34.84 -18.50 -28.28
N ARG D 161 34.15 -17.40 -27.95
CA ARG D 161 34.62 -16.02 -28.16
C ARG D 161 34.61 -15.50 -29.60
N ASP D 162 34.38 -16.36 -30.58
CA ASP D 162 34.33 -15.90 -31.98
C ASP D 162 33.35 -16.71 -32.81
N LEU D 163 32.20 -17.01 -32.22
CA LEU D 163 31.16 -17.80 -32.88
C LEU D 163 30.51 -16.98 -33.99
N LYS D 164 30.47 -17.56 -35.20
CA LYS D 164 29.89 -16.90 -36.36
C LYS D 164 29.62 -17.94 -37.43
N PRO D 165 28.79 -17.61 -38.43
CA PRO D 165 28.47 -18.60 -39.47
C PRO D 165 29.70 -19.17 -40.19
N GLU D 166 30.76 -18.38 -40.28
CA GLU D 166 32.01 -18.82 -40.89
C GLU D 166 32.62 -20.00 -40.12
N ASN D 167 32.29 -20.06 -38.82
CA ASN D 167 32.87 -21.02 -37.85
C ASN D 167 31.96 -22.20 -37.54
N ILE D 168 30.77 -22.17 -38.09
CA ILE D 168 29.82 -23.24 -37.89
C ILE D 168 29.72 -24.02 -39.19
N LEU D 169 30.37 -25.18 -39.24
CA LEU D 169 30.43 -25.97 -40.45
C LEU D 169 29.27 -26.96 -40.54
N LEU D 170 29.09 -27.53 -41.72
CA LEU D 170 28.08 -28.54 -41.98
C LEU D 170 28.71 -29.78 -42.58
N ASN D 171 28.44 -30.90 -41.95
CA ASN D 171 28.95 -32.14 -42.44
C ASN D 171 28.11 -32.74 -43.55
N GLU D 172 28.49 -33.93 -43.96
CA GLU D 172 27.88 -34.60 -45.08
C GLU D 172 26.38 -34.83 -44.85
N ASP D 173 26.03 -35.10 -43.61
CA ASP D 173 24.66 -35.27 -43.20
C ASP D 173 23.92 -33.99 -42.79
N MET D 174 24.57 -32.86 -42.97
CA MET D 174 23.99 -31.57 -42.70
C MET D 174 23.70 -31.21 -41.20
N HIS D 175 24.33 -31.93 -40.31
CA HIS D 175 24.44 -31.53 -38.92
C HIS D 175 25.61 -30.54 -38.80
N ILE D 176 25.58 -29.70 -37.79
CA ILE D 176 26.64 -28.68 -37.63
C ILE D 176 27.89 -29.28 -36.97
N GLN D 177 29.03 -28.67 -37.24
CA GLN D 177 30.28 -28.97 -36.54
C GLN D 177 31.03 -27.67 -36.37
N ILE D 178 31.04 -27.16 -35.14
CA ILE D 178 31.64 -25.88 -34.84
C ILE D 178 33.16 -26.07 -34.74
N THR D 179 33.89 -25.08 -35.23
CA THR D 179 35.34 -25.15 -35.26
C THR D 179 35.93 -23.78 -34.86
N ASP D 180 37.23 -23.59 -35.08
CA ASP D 180 37.90 -22.30 -34.89
C ASP D 180 38.10 -21.95 -33.40
N PHE D 181 38.96 -22.68 -32.73
CA PHE D 181 39.11 -22.58 -31.27
C PHE D 181 40.41 -21.95 -30.77
N GLY D 182 41.27 -21.48 -31.66
CA GLY D 182 42.49 -20.85 -31.22
C GLY D 182 42.25 -19.57 -30.44
N THR D 183 41.10 -18.94 -30.66
CA THR D 183 40.75 -17.70 -29.98
C THR D 183 39.80 -17.90 -28.80
N ALA D 184 39.53 -19.18 -28.46
CA ALA D 184 38.67 -19.50 -27.32
C ALA D 184 39.31 -19.17 -25.97
N LYS D 185 38.49 -19.02 -24.94
CA LYS D 185 39.00 -18.79 -23.59
C LYS D 185 38.62 -19.97 -22.69
N VAL D 186 39.59 -20.54 -21.97
CA VAL D 186 39.27 -21.59 -21.01
C VAL D 186 39.32 -21.04 -19.59
N LEU D 187 38.29 -21.36 -18.81
CA LEU D 187 38.25 -20.96 -17.41
C LEU D 187 39.13 -21.90 -16.59
N SER D 188 40.14 -21.35 -15.91
CA SER D 188 41.04 -22.19 -15.11
C SER D 188 41.71 -21.40 -13.98
N ASN D 197 42.61 -9.17 -21.52
CA ASN D 197 43.11 -9.55 -22.84
C ASN D 197 42.75 -8.53 -23.92
N PHE D 199 41.94 -9.45 -27.17
CA PHE D 199 41.19 -10.04 -28.27
C PHE D 199 39.79 -9.45 -28.42
N VAL D 200 39.45 -9.09 -29.65
CA VAL D 200 38.07 -8.78 -30.01
C VAL D 200 37.70 -9.64 -31.20
N GLY D 201 36.67 -10.47 -31.04
CA GLY D 201 36.22 -11.32 -32.14
C GLY D 201 35.71 -10.50 -33.31
N THR D 202 35.03 -11.18 -34.21
CA THR D 202 34.51 -10.55 -35.42
C THR D 202 33.48 -9.49 -35.04
N ALA D 203 33.61 -8.30 -35.62
CA ALA D 203 32.85 -7.14 -35.14
C ALA D 203 31.34 -7.34 -35.13
N GLN D 204 30.81 -8.00 -36.16
CA GLN D 204 29.38 -8.28 -36.25
C GLN D 204 28.81 -9.00 -35.03
N TYR D 205 29.62 -9.86 -34.40
CA TYR D 205 29.12 -10.77 -33.37
C TYR D 205 29.72 -10.57 -31.99
N VAL D 206 30.64 -9.59 -31.87
CA VAL D 206 31.31 -9.34 -30.60
C VAL D 206 30.34 -8.76 -29.57
N SER D 207 30.54 -9.13 -28.31
CA SER D 207 29.64 -8.71 -27.24
C SER D 207 30.08 -7.37 -26.67
N PRO D 208 29.14 -6.67 -26.02
CA PRO D 208 29.50 -5.38 -25.39
C PRO D 208 30.51 -5.54 -24.25
N GLU D 209 30.42 -6.62 -23.45
CA GLU D 209 31.39 -6.85 -22.35
C GLU D 209 32.82 -6.93 -22.86
N LEU D 210 33.01 -7.63 -23.96
CA LEU D 210 34.35 -7.81 -24.52
C LEU D 210 34.90 -6.46 -24.94
N LEU D 211 34.07 -5.68 -25.63
CA LEU D 211 34.48 -4.34 -26.06
C LEU D 211 34.83 -3.42 -24.89
N THR D 212 33.92 -3.31 -23.94
CA THR D 212 34.05 -2.29 -22.91
C THR D 212 34.84 -2.76 -21.67
N GLU D 213 34.86 -4.06 -21.43
CA GLU D 213 35.49 -4.59 -20.23
C GLU D 213 36.71 -5.44 -20.54
N LYS D 214 36.96 -5.70 -21.82
CA LYS D 214 38.09 -6.51 -22.25
C LYS D 214 38.02 -7.94 -21.72
N SER D 215 36.80 -8.42 -21.48
CA SER D 215 36.64 -9.75 -20.91
C SER D 215 35.32 -10.35 -21.38
N ALA D 216 35.41 -11.52 -22.00
CA ALA D 216 34.21 -12.27 -22.37
C ALA D 216 33.86 -13.23 -21.24
N CYS D 217 32.64 -13.74 -21.29
CA CYS D 217 32.19 -14.82 -20.42
C CYS D 217 31.36 -15.74 -21.30
N LYS D 218 30.93 -16.87 -20.74
CA LYS D 218 30.11 -17.81 -21.51
C LYS D 218 28.98 -17.09 -22.22
N SER D 219 28.35 -16.17 -21.48
CA SER D 219 27.23 -15.38 -21.99
C SER D 219 27.55 -14.59 -23.27
N SER D 220 28.83 -14.26 -23.48
CA SER D 220 29.22 -13.57 -24.70
C SER D 220 28.87 -14.38 -25.94
N ASP D 221 28.92 -15.71 -25.80
CA ASP D 221 28.59 -16.61 -26.88
C ASP D 221 27.09 -16.60 -27.14
N LEU D 222 26.32 -16.33 -26.10
CA LEU D 222 24.86 -16.27 -26.23
C LEU D 222 24.47 -14.97 -26.93
N TRP D 223 25.24 -13.91 -26.71
CA TRP D 223 25.06 -12.69 -27.49
C TRP D 223 25.29 -13.01 -28.97
N ALA D 224 26.38 -13.72 -29.26
CA ALA D 224 26.68 -14.09 -30.64
C ALA D 224 25.55 -14.94 -31.24
N LEU D 225 24.98 -15.82 -30.42
CA LEU D 225 23.83 -16.63 -30.84
C LEU D 225 22.66 -15.75 -31.29
N GLY D 226 22.33 -14.75 -30.49
CA GLY D 226 21.29 -13.80 -30.86
C GLY D 226 21.55 -13.19 -32.24
N CYS D 227 22.80 -12.80 -32.46
CA CYS D 227 23.20 -12.17 -33.73
C CYS D 227 23.02 -13.14 -34.88
N ILE D 228 23.41 -14.40 -34.65
CA ILE D 228 23.30 -15.46 -35.64
C ILE D 228 21.85 -15.82 -35.97
N ILE D 229 21.01 -15.93 -34.94
CA ILE D 229 19.58 -16.15 -35.15
C ILE D 229 18.99 -15.04 -36.00
N TYR D 230 19.28 -13.80 -35.63
CA TYR D 230 18.85 -12.65 -36.41
C TYR D 230 19.32 -12.77 -37.87
N GLN D 231 20.59 -13.14 -38.05
CA GLN D 231 21.14 -13.28 -39.38
C GLN D 231 20.42 -14.37 -40.19
N LEU D 232 20.11 -15.50 -39.55
CA LEU D 232 19.41 -16.58 -40.26
C LEU D 232 18.04 -16.12 -40.75
N VAL D 233 17.35 -15.37 -39.91
CA VAL D 233 15.97 -14.96 -40.20
C VAL D 233 15.93 -13.78 -41.16
N ALA D 234 16.83 -12.82 -40.96
CA ALA D 234 16.81 -11.57 -41.73
C ALA D 234 17.69 -11.62 -42.98
N GLY D 235 18.67 -12.50 -42.98
CA GLY D 235 19.59 -12.60 -44.10
C GLY D 235 20.80 -11.69 -43.93
N LEU D 236 20.80 -10.91 -42.84
CA LEU D 236 21.89 -10.03 -42.48
C LEU D 236 22.00 -9.95 -40.96
N PRO D 237 23.20 -9.69 -40.44
CA PRO D 237 23.36 -9.53 -38.99
C PRO D 237 22.79 -8.20 -38.51
N PRO D 238 22.45 -8.11 -37.21
CA PRO D 238 21.70 -6.96 -36.68
C PRO D 238 22.48 -5.65 -36.61
N PHE D 239 23.74 -5.70 -36.19
CA PHE D 239 24.53 -4.48 -36.04
C PHE D 239 25.36 -4.33 -37.30
N ARG D 240 24.94 -3.40 -38.13
CA ARG D 240 25.55 -3.18 -39.43
C ARG D 240 25.94 -1.72 -39.53
N ALA D 241 27.11 -1.45 -40.08
CA ALA D 241 27.53 -0.06 -40.28
C ALA D 241 28.73 -0.03 -41.20
N GLY D 242 29.16 1.18 -41.54
CA GLY D 242 30.15 1.38 -42.59
C GLY D 242 31.57 0.96 -42.24
N ASN D 243 31.91 0.97 -40.95
CA ASN D 243 33.19 0.44 -40.49
C ASN D 243 33.11 -0.19 -39.10
N GLU D 244 34.18 -0.83 -38.68
CA GLU D 244 34.26 -1.47 -37.38
C GLU D 244 33.91 -0.53 -36.23
N TYR D 245 34.43 0.70 -36.26
CA TYR D 245 34.13 1.66 -35.19
C TYR D 245 32.63 1.90 -35.08
N LEU D 246 32.00 2.09 -36.23
CA LEU D 246 30.59 2.42 -36.30
C LEU D 246 29.72 1.23 -35.84
N ILE D 247 30.15 0.02 -36.15
CA ILE D 247 29.45 -1.19 -35.69
C ILE D 247 29.53 -1.32 -34.17
N PHE D 248 30.73 -1.09 -33.62
CA PHE D 248 30.93 -1.11 -32.17
C PHE D 248 29.98 -0.14 -31.49
N GLN D 249 29.86 1.06 -32.04
CA GLN D 249 28.97 2.07 -31.47
C GLN D 249 27.53 1.56 -31.35
N LYS D 250 27.03 0.95 -32.42
CA LYS D 250 25.70 0.35 -32.42
C LYS D 250 25.56 -0.76 -31.38
N ILE D 251 26.56 -1.65 -31.32
CA ILE D 251 26.58 -2.70 -30.31
C ILE D 251 26.42 -2.14 -28.89
N ILE D 252 27.25 -1.18 -28.54
CA ILE D 252 27.28 -0.58 -27.20
C ILE D 252 25.96 0.10 -26.85
N LYS D 253 25.29 0.64 -27.86
CA LYS D 253 24.01 1.35 -27.67
C LYS D 253 22.82 0.44 -27.92
N LEU D 254 23.06 -0.84 -28.18
CA LEU D 254 21.99 -1.76 -28.58
C LEU D 254 21.11 -1.13 -29.67
N GLU D 255 21.74 -0.58 -30.71
CA GLU D 255 21.02 0.08 -31.79
C GLU D 255 20.88 -0.88 -32.97
N TYR D 256 19.69 -1.45 -33.13
CA TYR D 256 19.37 -2.31 -34.27
C TYR D 256 17.84 -2.38 -34.43
N ASP D 257 17.40 -2.83 -35.60
CA ASP D 257 15.99 -2.92 -35.91
C ASP D 257 15.66 -4.31 -36.42
N PHE D 258 14.38 -4.66 -36.37
CA PHE D 258 13.90 -5.92 -36.93
C PHE D 258 13.20 -5.62 -38.24
N PRO D 259 13.50 -6.41 -39.30
CA PRO D 259 12.76 -6.25 -40.56
C PRO D 259 11.36 -6.83 -40.44
N GLU D 260 10.51 -6.52 -41.41
CA GLU D 260 9.12 -6.93 -41.38
C GLU D 260 8.91 -8.44 -41.55
N LYS D 261 9.90 -9.15 -42.10
CA LYS D 261 9.79 -10.59 -42.33
C LYS D 261 10.00 -11.43 -41.07
N PHE D 262 10.34 -10.79 -39.97
CA PHE D 262 10.88 -11.50 -38.81
C PHE D 262 9.85 -12.31 -38.00
N PHE D 263 10.03 -13.62 -37.90
CA PHE D 263 9.15 -14.50 -37.13
C PHE D 263 8.96 -13.99 -35.70
N PRO D 264 7.70 -13.81 -35.29
CA PRO D 264 7.42 -13.24 -33.95
C PRO D 264 8.15 -13.92 -32.80
N LYS D 265 8.22 -15.25 -32.79
CA LYS D 265 8.88 -15.94 -31.68
C LYS D 265 10.41 -15.73 -31.73
N ALA D 266 10.96 -15.66 -32.93
CA ALA D 266 12.38 -15.40 -33.09
C ALA D 266 12.68 -13.96 -32.67
N ARG D 267 11.76 -13.04 -32.96
CA ARG D 267 11.94 -11.67 -32.51
C ARG D 267 12.10 -11.64 -31.00
N ASP D 268 11.17 -12.28 -30.30
CA ASP D 268 11.24 -12.28 -28.85
C ASP D 268 12.53 -12.92 -28.35
N LEU D 269 12.90 -14.05 -28.95
CA LEU D 269 14.11 -14.77 -28.55
C LEU D 269 15.38 -13.91 -28.70
N VAL D 270 15.57 -13.32 -29.87
CA VAL D 270 16.67 -12.37 -30.10
C VAL D 270 16.70 -11.24 -29.05
N GLU D 271 15.56 -10.65 -28.77
CA GLU D 271 15.48 -9.60 -27.76
C GLU D 271 15.90 -10.07 -26.38
N LYS D 272 15.78 -11.36 -26.12
CA LYS D 272 16.18 -11.92 -24.83
C LYS D 272 17.64 -12.37 -24.79
N LEU D 273 18.27 -12.40 -25.97
CA LEU D 273 19.68 -12.73 -26.10
C LEU D 273 20.55 -11.47 -26.26
N LEU D 274 20.08 -10.51 -27.05
CA LEU D 274 20.81 -9.26 -27.23
C LEU D 274 20.45 -8.25 -26.13
N VAL D 275 21.05 -8.48 -24.96
CA VAL D 275 20.79 -7.68 -23.76
C VAL D 275 22.16 -7.25 -23.29
N LEU D 276 22.32 -5.95 -23.04
CA LEU D 276 23.64 -5.41 -22.72
C LEU D 276 24.29 -6.09 -21.52
N ASP D 277 23.52 -6.27 -20.45
CA ASP D 277 24.01 -6.90 -19.23
C ASP D 277 24.16 -8.40 -19.46
N ALA D 278 25.41 -8.88 -19.44
CA ALA D 278 25.68 -10.29 -19.74
C ALA D 278 25.10 -11.28 -18.73
N THR D 279 24.67 -10.81 -17.56
CA THR D 279 24.08 -11.70 -16.55
C THR D 279 22.57 -11.80 -16.69
N LYS D 280 22.01 -11.17 -17.72
CA LYS D 280 20.58 -11.17 -17.91
C LYS D 280 20.15 -11.74 -19.27
N ARG D 281 21.04 -12.47 -19.93
CA ARG D 281 20.66 -13.14 -21.17
C ARG D 281 20.03 -14.49 -20.92
N LEU D 282 18.96 -14.77 -21.66
CA LEU D 282 18.28 -16.06 -21.60
C LEU D 282 19.29 -17.16 -21.88
N GLY D 283 19.39 -18.12 -20.97
CA GLY D 283 20.35 -19.19 -21.13
C GLY D 283 21.61 -19.04 -20.30
N CYS D 284 21.90 -17.84 -19.81
CA CYS D 284 23.12 -17.65 -19.04
C CYS D 284 22.97 -18.23 -17.63
N GLU D 285 24.10 -18.43 -16.95
CA GLU D 285 24.11 -19.05 -15.63
C GLU D 285 23.31 -18.26 -14.60
N GLU D 286 23.43 -16.93 -14.62
CA GLU D 286 22.70 -16.09 -13.67
C GLU D 286 21.19 -16.07 -13.92
N MET D 287 20.79 -16.51 -15.11
CA MET D 287 19.36 -16.63 -15.44
C MET D 287 18.91 -18.08 -15.33
N GLU D 288 19.70 -18.87 -14.60
CA GLU D 288 19.41 -20.29 -14.34
C GLU D 288 19.64 -21.24 -15.53
N GLY D 289 20.49 -20.81 -16.45
CA GLY D 289 21.04 -21.76 -17.40
C GLY D 289 20.23 -22.07 -18.63
N TYR D 290 20.53 -23.23 -19.22
CA TYR D 290 19.99 -23.65 -20.52
C TYR D 290 18.53 -24.12 -20.53
N GLY D 291 18.05 -24.61 -19.38
CA GLY D 291 16.66 -25.04 -19.26
C GLY D 291 15.63 -24.06 -19.83
N PRO D 292 15.57 -22.85 -19.25
CA PRO D 292 14.61 -21.83 -19.70
C PRO D 292 14.86 -21.40 -21.15
N LEU D 293 16.09 -21.49 -21.61
CA LEU D 293 16.40 -21.16 -23.02
C LEU D 293 15.79 -22.22 -23.95
N LYS D 294 16.05 -23.48 -23.64
CA LYS D 294 15.47 -24.58 -24.41
C LYS D 294 13.94 -24.60 -24.34
N ALA D 295 13.37 -24.01 -23.28
CA ALA D 295 11.90 -23.98 -23.13
C ALA D 295 11.21 -22.86 -23.92
N HIS D 296 11.97 -21.94 -24.51
CA HIS D 296 11.39 -20.87 -25.31
C HIS D 296 10.54 -21.45 -26.43
N PRO D 297 9.35 -20.86 -26.68
CA PRO D 297 8.43 -21.40 -27.69
C PRO D 297 8.96 -21.36 -29.12
N PHE D 298 9.99 -20.57 -29.38
CA PHE D 298 10.67 -20.65 -30.68
C PHE D 298 11.11 -22.09 -30.95
N PHE D 299 11.34 -22.84 -29.89
CA PHE D 299 11.78 -24.22 -30.03
C PHE D 299 10.63 -25.21 -29.82
N GLU D 300 9.41 -24.72 -29.98
CA GLU D 300 8.21 -25.48 -29.64
C GLU D 300 8.20 -26.95 -30.08
N SER D 301 8.38 -27.21 -31.37
CA SER D 301 8.31 -28.60 -31.80
C SER D 301 9.68 -29.25 -31.94
N VAL D 302 10.66 -28.74 -31.21
CA VAL D 302 12.00 -29.34 -31.22
C VAL D 302 12.09 -30.51 -30.26
N THR D 303 12.65 -31.60 -30.75
CA THR D 303 12.98 -32.72 -29.88
C THR D 303 14.45 -32.60 -29.53
N TRP D 304 14.75 -32.20 -28.31
CA TRP D 304 16.12 -31.95 -27.92
C TRP D 304 16.91 -33.24 -27.75
N GLU D 305 16.26 -34.30 -27.29
CA GLU D 305 16.98 -35.47 -26.79
C GLU D 305 18.13 -35.98 -27.64
N ASN D 306 17.87 -36.37 -28.87
CA ASN D 306 18.98 -36.82 -29.71
C ASN D 306 19.05 -36.11 -31.05
N LEU D 307 19.13 -34.79 -30.95
CA LEU D 307 19.13 -33.90 -32.11
C LEU D 307 20.09 -34.38 -33.18
N HIS D 308 21.25 -34.83 -32.77
CA HIS D 308 22.30 -35.13 -33.72
C HIS D 308 21.94 -36.31 -34.62
N GLN D 309 20.91 -37.05 -34.22
CA GLN D 309 20.49 -38.24 -34.96
C GLN D 309 19.26 -37.98 -35.84
N GLN D 310 18.65 -36.80 -35.68
CA GLN D 310 17.47 -36.45 -36.46
C GLN D 310 17.85 -36.00 -37.86
N THR D 311 16.97 -36.18 -38.84
CA THR D 311 17.32 -35.71 -40.18
C THR D 311 16.98 -34.23 -40.31
N PRO D 312 18.00 -33.42 -40.68
CA PRO D 312 17.83 -31.97 -40.80
C PRO D 312 16.85 -31.60 -41.90
N PRO D 313 16.07 -30.54 -41.67
CA PRO D 313 15.16 -30.08 -42.72
C PRO D 313 15.97 -29.55 -43.86
N LYS D 314 15.55 -29.82 -45.10
CA LYS D 314 16.27 -29.34 -46.26
C LYS D 314 16.26 -27.81 -46.26
N LEU D 315 17.40 -27.21 -46.56
CA LEU D 315 17.55 -25.77 -46.57
C LEU D 315 16.82 -25.12 -47.74
N THR D 316 15.78 -24.35 -47.42
CA THR D 316 15.01 -23.62 -48.42
C THR D 316 14.75 -22.19 -47.96
#